data_4GTP
#
_entry.id   4GTP
#
_cell.length_a   171.650
_cell.length_b   171.650
_cell.length_c   70.005
_cell.angle_alpha   90.00
_cell.angle_beta   90.00
_cell.angle_gamma   120.00
#
_symmetry.space_group_name_H-M   'P 61'
#
loop_
_entity.id
_entity.type
_entity.pdbx_description
1 polymer 'Protein farnesyltransferase/geranylgeranyltransferase type-1 subunit alpha'
2 polymer 'Protein farnesyltransferase subunit beta'
3 non-polymer 'DIMETHYL SULFOXIDE'
4 non-polymer 'ZINC ION'
5 non-polymer 'FARNESYL DIPHOSPHATE'
6 non-polymer 5-{(3R)-3-(4-hydroxybenzyl)-4-[(4-methoxyphenyl)sulfonyl]-1-[(1-methyl-1H-imidazol-5-yl)methyl]-2,3,4,5-tetrahydro-1H-1,4-benzodiazepin-7-yl}furan-2-carbaldehyde
7 water water
#
loop_
_entity_poly.entity_id
_entity_poly.type
_entity_poly.pdbx_seq_one_letter_code
_entity_poly.pdbx_strand_id
1 'polypeptide(L)'
;MAATEGVGESAPGGEPGQPEQPPPPPPPPPAQQPQEEEMAAEAGEAAASPMDDGFLSLDSPTYVLYRDRAEWADIDPVPQ
NDGPSPVVQIIYSEKFRDVYDYFRAVLQRDERSERAFKLTRDAIELNAANYTVWHFRRVLLRSLQKDLQEEMNYIIAIIE
EQPKNYQVWHHRRVLVEWLKDPSQELEFIADILNQDAKNYHAWQHRQWVIQEFRLWDNELQYVDQLLKEDVRNNSVWNQR
HFVISNTTGYSDRAVLEREVQYTLEMIKLVPHNESAWNYLKGILQDRGLSRYPNLLNQLLDLQPSHSSPYLIAFLVDIYE
DMLENQCDNKEDILNKALELCEILAKEKDTIRKEYWRYIGRSLQSKHSRESDIPASV
;
A
2 'polypeptide(L)'
;MASSSSFTYYCPPSSSPVWSEPLYSLRPEHARERLQDDSVETVTSIEQAKVEEKIQEVFSSYKFNHLVPRLVLQREKHFH
YLKRGLRQLTDAYECLDASRPWLCYWILHSLELLDEPIPQIVATDVCQFLELCQSPDGGFGGGPGQYPHLAPTYAAVNAL
CIIGTEEAYNVINREKLLQYLYSLKQPDGSFLMHVGGEVDVRSAYCAASVASLTNIITPDLFEGTAEWIARCQNWEGGIG
GVPGMEAHGGYTFCGLAALVILKKERSLNLKSLLQWVTSRQMRFEGGFQGRCNKLVDGCYSFWQAGLLPLLHRALHAQGD
PALSMSHWMFHQQALQEYILMCCQCPAGGLLDKPGKSRDFYHTCYCLSGLSIAQHFGSGAMLHDVVMGVPENVLQPTHPV
YNIGPDKVIQATTHFLQKPVPGFEECE
;
B
#
loop_
_chem_comp.id
_chem_comp.type
_chem_comp.name
_chem_comp.formula
7TP non-polymer 5-{(3R)-3-(4-hydroxybenzyl)-4-[(4-methoxyphenyl)sulfonyl]-1-[(1-methyl-1H-imidazol-5-yl)methyl]-2,3,4,5-tetrahydro-1H-1,4-benzodiazepin-7-yl}furan-2-carbaldehyde 'C33 H32 N4 O6 S'
DMS non-polymer 'DIMETHYL SULFOXIDE' 'C2 H6 O S'
FPP non-polymer 'FARNESYL DIPHOSPHATE' 'C15 H28 O7 P2'
ZN non-polymer 'ZINC ION' 'Zn 2'
#
# COMPACT_ATOMS: atom_id res chain seq x y z
N PHE A 55 8.94 -35.32 5.73
CA PHE A 55 9.80 -36.33 5.06
C PHE A 55 9.55 -36.43 3.53
N LEU A 56 8.29 -36.53 3.06
CA LEU A 56 8.01 -36.77 1.63
C LEU A 56 7.65 -35.51 0.86
N SER A 57 8.65 -34.87 0.29
CA SER A 57 8.51 -33.56 -0.31
C SER A 57 7.53 -33.45 -1.45
N LEU A 58 6.95 -32.27 -1.59
CA LEU A 58 5.92 -32.03 -2.59
C LEU A 58 6.42 -32.14 -3.99
N ASP A 59 7.74 -31.99 -4.16
CA ASP A 59 8.33 -32.02 -5.52
C ASP A 59 9.25 -33.22 -5.74
N SER A 60 9.24 -34.14 -4.78
CA SER A 60 9.80 -35.46 -4.91
C SER A 60 9.07 -36.26 -5.99
N PRO A 61 9.84 -36.99 -6.82
CA PRO A 61 9.12 -37.78 -7.85
C PRO A 61 8.36 -38.98 -7.26
N THR A 62 8.64 -39.35 -6.02
CA THR A 62 7.88 -40.41 -5.27
C THR A 62 6.54 -39.88 -4.67
N TYR A 63 6.25 -38.61 -4.91
CA TYR A 63 5.19 -37.98 -4.21
C TYR A 63 3.92 -38.73 -4.51
N VAL A 64 3.12 -38.97 -3.47
CA VAL A 64 1.86 -39.66 -3.57
C VAL A 64 0.75 -38.79 -2.97
N LEU A 65 -0.40 -38.74 -3.63
CA LEU A 65 -1.54 -38.06 -3.09
C LEU A 65 -1.93 -38.68 -1.75
N TYR A 66 -2.46 -37.86 -0.88
CA TYR A 66 -2.77 -38.30 0.45
C TYR A 66 -3.85 -39.36 0.42
N ARG A 67 -4.71 -39.29 -0.58
CA ARG A 67 -5.75 -40.34 -0.69
C ARG A 67 -5.17 -41.72 -1.08
N ASP A 68 -3.92 -41.78 -1.51
CA ASP A 68 -3.32 -43.06 -1.84
C ASP A 68 -2.38 -43.49 -0.71
N ARG A 69 -2.51 -42.92 0.49
CA ARG A 69 -1.50 -43.21 1.54
C ARG A 69 -2.14 -44.04 2.61
N ALA A 70 -1.41 -45.06 3.04
CA ALA A 70 -1.87 -46.02 3.96
C ALA A 70 -2.24 -45.28 5.20
N GLU A 71 -1.27 -44.50 5.71
CA GLU A 71 -1.38 -43.76 7.01
C GLU A 71 -2.63 -42.95 7.10
N TRP A 72 -3.30 -42.68 5.99
CA TRP A 72 -4.45 -41.83 6.05
C TRP A 72 -5.75 -42.54 5.81
N ALA A 73 -5.65 -43.87 5.65
CA ALA A 73 -6.79 -44.74 5.33
C ALA A 73 -8.01 -44.51 6.21
N ASP A 74 -7.75 -44.16 7.47
CA ASP A 74 -8.81 -44.05 8.45
C ASP A 74 -9.59 -42.78 8.43
N ILE A 75 -9.24 -41.83 7.55
CA ILE A 75 -9.85 -40.50 7.62
C ILE A 75 -10.39 -39.99 6.29
N ASP A 76 -11.64 -39.57 6.27
CA ASP A 76 -12.26 -39.14 5.03
C ASP A 76 -11.98 -37.66 4.76
N PRO A 77 -11.49 -37.37 3.56
CA PRO A 77 -11.33 -36.03 3.04
C PRO A 77 -12.57 -35.20 3.23
N VAL A 78 -12.42 -33.91 3.41
CA VAL A 78 -13.57 -33.02 3.45
C VAL A 78 -13.43 -32.09 2.26
N PRO A 79 -14.19 -32.35 1.18
CA PRO A 79 -14.14 -31.41 0.05
C PRO A 79 -14.57 -30.01 0.41
N GLN A 80 -14.08 -29.05 -0.35
CA GLN A 80 -14.44 -27.67 -0.07
C GLN A 80 -15.86 -27.50 -0.43
N ASN A 81 -16.63 -26.91 0.48
CA ASN A 81 -17.99 -26.54 0.15
C ASN A 81 -18.10 -25.18 -0.52
N ASP A 82 -18.19 -25.17 -1.86
CA ASP A 82 -18.29 -23.93 -2.62
C ASP A 82 -19.71 -23.59 -2.96
N GLY A 83 -20.62 -24.49 -2.65
CA GLY A 83 -22.03 -24.29 -2.94
C GLY A 83 -22.46 -24.79 -4.31
N PRO A 84 -23.79 -24.81 -4.53
CA PRO A 84 -24.40 -25.24 -5.79
C PRO A 84 -23.82 -24.60 -7.04
N SER A 85 -23.62 -23.27 -7.08
CA SER A 85 -23.09 -22.64 -8.30
C SER A 85 -22.16 -21.46 -8.01
N PRO A 86 -20.87 -21.71 -8.08
CA PRO A 86 -19.95 -20.93 -7.30
C PRO A 86 -19.26 -19.76 -8.05
N VAL A 87 -18.75 -18.80 -7.29
CA VAL A 87 -18.04 -17.68 -7.89
C VAL A 87 -16.55 -17.79 -7.61
N VAL A 88 -15.78 -17.05 -8.38
CA VAL A 88 -14.36 -17.00 -8.19
C VAL A 88 -13.82 -18.39 -7.84
N GLN A 89 -14.34 -19.42 -8.50
CA GLN A 89 -13.86 -20.78 -8.26
C GLN A 89 -12.49 -21.07 -8.83
N ILE A 90 -11.59 -21.62 -8.02
CA ILE A 90 -10.25 -21.91 -8.52
C ILE A 90 -10.29 -23.35 -8.94
N ILE A 91 -9.78 -23.61 -10.13
CA ILE A 91 -9.67 -24.97 -10.63
C ILE A 91 -8.30 -25.48 -10.18
N TYR A 92 -8.31 -26.00 -8.97
CA TYR A 92 -7.13 -26.46 -8.28
C TYR A 92 -6.54 -27.65 -9.00
N SER A 93 -5.21 -27.71 -9.01
CA SER A 93 -4.54 -28.94 -9.35
C SER A 93 -4.96 -30.08 -8.42
N GLU A 94 -4.84 -31.33 -8.91
CA GLU A 94 -5.00 -32.51 -8.05
C GLU A 94 -4.17 -32.37 -6.77
N LYS A 95 -2.85 -32.20 -6.90
CA LYS A 95 -1.95 -32.18 -5.74
C LYS A 95 -2.55 -31.30 -4.64
N PHE A 96 -2.98 -30.11 -5.06
CA PHE A 96 -3.40 -29.05 -4.18
C PHE A 96 -4.72 -29.35 -3.51
N ARG A 97 -5.71 -29.77 -4.30
CA ARG A 97 -7.01 -30.10 -3.75
C ARG A 97 -6.94 -31.31 -2.82
N ASP A 98 -5.99 -32.20 -3.08
CA ASP A 98 -5.82 -33.39 -2.27
C ASP A 98 -5.34 -32.95 -0.92
N VAL A 99 -4.26 -32.18 -0.88
CA VAL A 99 -3.75 -31.69 0.38
C VAL A 99 -4.83 -30.92 1.12
N TYR A 100 -5.59 -30.07 0.44
CA TYR A 100 -6.51 -29.24 1.22
C TYR A 100 -7.74 -29.95 1.69
N ASP A 101 -8.15 -31.01 1.00
CA ASP A 101 -9.28 -31.84 1.47
C ASP A 101 -8.91 -32.51 2.79
N TYR A 102 -7.66 -32.95 2.86
CA TYR A 102 -7.25 -33.70 4.01
C TYR A 102 -7.00 -32.71 5.11
N PHE A 103 -6.60 -31.49 4.74
CA PHE A 103 -6.34 -30.52 5.76
C PHE A 103 -7.65 -30.11 6.41
N ARG A 104 -8.73 -29.98 5.62
CA ARG A 104 -10.04 -29.71 6.22
C ARG A 104 -10.46 -30.81 7.16
N ALA A 105 -10.10 -32.03 6.82
CA ALA A 105 -10.49 -33.14 7.66
C ALA A 105 -9.74 -32.98 8.97
N VAL A 106 -8.42 -32.76 8.96
CA VAL A 106 -7.71 -32.70 10.24
C VAL A 106 -8.20 -31.48 11.01
N LEU A 107 -8.45 -30.36 10.32
CA LEU A 107 -8.92 -29.16 11.00
C LEU A 107 -10.27 -29.41 11.67
N GLN A 108 -11.25 -30.01 10.97
CA GLN A 108 -12.58 -30.28 11.56
C GLN A 108 -12.46 -31.11 12.80
N ARG A 109 -11.86 -32.28 12.66
CA ARG A 109 -11.69 -33.19 13.76
C ARG A 109 -10.72 -32.64 14.80
N ASP A 110 -10.04 -31.55 14.49
CA ASP A 110 -9.06 -30.98 15.40
C ASP A 110 -8.02 -32.04 15.81
N GLU A 111 -7.54 -32.76 14.82
CA GLU A 111 -6.56 -33.77 15.09
C GLU A 111 -5.21 -33.15 15.34
N ARG A 112 -4.76 -33.24 16.59
CA ARG A 112 -3.50 -32.64 16.99
C ARG A 112 -2.36 -33.59 16.86
N SER A 113 -2.01 -34.00 15.66
CA SER A 113 -1.11 -35.17 15.52
C SER A 113 0.07 -34.88 14.63
N GLU A 114 1.14 -35.60 14.84
CA GLU A 114 2.29 -35.49 13.97
C GLU A 114 2.03 -35.48 12.46
N ARG A 115 1.14 -36.37 12.02
CA ARG A 115 0.80 -36.46 10.61
C ARG A 115 0.07 -35.20 10.17
N ALA A 116 -0.76 -34.63 11.04
CA ALA A 116 -1.40 -33.36 10.76
C ALA A 116 -0.32 -32.30 10.68
N PHE A 117 0.64 -32.34 11.57
CA PHE A 117 1.71 -31.39 11.55
C PHE A 117 2.45 -31.43 10.25
N LYS A 118 2.83 -32.61 9.77
CA LYS A 118 3.51 -32.68 8.46
C LYS A 118 2.61 -32.24 7.34
N LEU A 119 1.33 -32.49 7.49
CA LEU A 119 0.39 -32.09 6.48
C LEU A 119 0.41 -30.56 6.38
N THR A 120 0.44 -29.82 7.50
CA THR A 120 0.38 -28.35 7.42
C THR A 120 1.59 -27.85 6.61
N ARG A 121 2.69 -28.57 6.72
CA ARG A 121 3.87 -28.17 5.98
C ARG A 121 3.51 -28.06 4.51
N ASP A 122 2.79 -29.08 4.03
CA ASP A 122 2.50 -29.19 2.61
C ASP A 122 1.49 -28.21 2.16
N ALA A 123 0.48 -27.98 3.00
CA ALA A 123 -0.53 -26.95 2.78
C ALA A 123 0.15 -25.58 2.68
N ILE A 124 1.07 -25.30 3.60
CA ILE A 124 1.83 -24.08 3.51
C ILE A 124 2.60 -24.01 2.22
N GLU A 125 3.28 -25.06 1.83
CA GLU A 125 4.10 -24.92 0.63
C GLU A 125 3.22 -24.66 -0.58
N LEU A 126 2.04 -25.20 -0.60
CA LEU A 126 1.15 -24.99 -1.72
C LEU A 126 0.56 -23.61 -1.71
N ASN A 127 0.42 -23.01 -0.53
CA ASN A 127 -0.13 -21.68 -0.40
C ASN A 127 0.29 -21.03 0.91
N ALA A 128 1.43 -20.38 0.87
CA ALA A 128 2.05 -19.82 2.06
C ALA A 128 1.18 -18.69 2.62
N ALA A 129 0.25 -18.19 1.83
CA ALA A 129 -0.67 -17.14 2.32
C ALA A 129 -1.80 -17.69 3.18
N ASN A 130 -1.96 -18.99 3.36
CA ASN A 130 -3.15 -19.43 4.12
C ASN A 130 -2.97 -19.34 5.61
N TYR A 131 -3.35 -18.20 6.12
CA TYR A 131 -3.22 -17.90 7.56
C TYR A 131 -3.95 -18.91 8.42
N THR A 132 -5.05 -19.53 7.94
CA THR A 132 -5.73 -20.56 8.76
C THR A 132 -4.80 -21.73 8.92
N VAL A 133 -4.08 -22.09 7.87
CA VAL A 133 -3.18 -23.21 8.02
C VAL A 133 -2.08 -22.87 8.99
N TRP A 134 -1.51 -21.66 8.93
CA TRP A 134 -0.39 -21.28 9.87
C TRP A 134 -0.85 -21.30 11.31
N HIS A 135 -2.05 -20.80 11.53
CA HIS A 135 -2.62 -20.84 12.85
C HIS A 135 -2.69 -22.25 13.38
N PHE A 136 -3.12 -23.19 12.56
CA PHE A 136 -3.22 -24.58 13.00
C PHE A 136 -1.83 -25.08 13.21
N ARG A 137 -0.90 -24.70 12.37
CA ARG A 137 0.44 -25.21 12.63
C ARG A 137 0.95 -24.73 13.98
N ARG A 138 0.59 -23.52 14.38
CA ARG A 138 1.05 -23.05 15.67
C ARG A 138 0.35 -23.84 16.77
N VAL A 139 -0.96 -24.04 16.66
CA VAL A 139 -1.62 -24.85 17.64
C VAL A 139 -0.92 -26.19 17.74
N LEU A 140 -0.48 -26.75 16.61
CA LEU A 140 0.19 -28.04 16.66
C LEU A 140 1.57 -27.93 17.23
N LEU A 141 2.26 -26.83 17.04
CA LEU A 141 3.58 -26.69 17.65
C LEU A 141 3.45 -26.76 19.19
N ARG A 142 2.39 -26.21 19.78
CA ARG A 142 2.23 -26.27 21.22
C ARG A 142 1.75 -27.65 21.69
N SER A 143 0.79 -28.23 21.01
CA SER A 143 0.28 -29.50 21.45
C SER A 143 1.35 -30.57 21.38
N LEU A 144 1.91 -30.76 20.21
CA LEU A 144 2.89 -31.80 20.05
C LEU A 144 4.18 -31.39 20.67
N GLN A 145 4.15 -30.34 21.44
CA GLN A 145 5.34 -29.78 22.03
C GLN A 145 6.56 -29.98 21.17
N LYS A 146 6.62 -29.33 20.02
CA LYS A 146 7.71 -29.53 19.09
C LYS A 146 8.93 -28.70 19.35
N ASP A 147 10.05 -29.15 18.85
CA ASP A 147 11.30 -28.46 18.96
C ASP A 147 11.24 -27.19 18.15
N LEU A 148 11.28 -26.06 18.85
CA LEU A 148 11.22 -24.77 18.22
C LEU A 148 12.49 -24.43 17.52
N GLN A 149 13.62 -24.91 18.00
CA GLN A 149 14.87 -24.59 17.24
C GLN A 149 14.79 -25.12 15.83
N GLU A 150 14.08 -26.22 15.69
CA GLU A 150 13.98 -26.90 14.44
C GLU A 150 12.96 -26.18 13.56
N GLU A 151 11.90 -25.71 14.23
CA GLU A 151 10.92 -24.86 13.58
C GLU A 151 11.57 -23.57 13.03
N MET A 152 12.51 -22.98 13.79
CA MET A 152 13.25 -21.85 13.26
C MET A 152 13.98 -22.17 12.00
N ASN A 153 14.51 -23.39 11.87
CA ASN A 153 15.26 -23.71 10.66
C ASN A 153 14.31 -23.82 9.49
N TYR A 154 13.12 -24.35 9.76
CA TYR A 154 12.05 -24.37 8.77
C TYR A 154 11.69 -22.94 8.21
N ILE A 155 11.25 -22.05 9.11
CA ILE A 155 10.85 -20.70 8.72
C ILE A 155 12.01 -19.91 8.17
N ILE A 156 13.23 -20.21 8.59
CA ILE A 156 14.38 -19.67 7.86
C ILE A 156 14.33 -20.06 6.40
N ALA A 157 14.11 -21.34 6.13
CA ALA A 157 14.09 -21.87 4.74
C ALA A 157 12.95 -21.22 3.94
N ILE A 158 11.77 -21.15 4.54
CA ILE A 158 10.63 -20.66 3.78
C ILE A 158 10.72 -19.17 3.44
N ILE A 159 11.12 -18.37 4.44
CA ILE A 159 11.31 -16.95 4.24
C ILE A 159 12.31 -16.79 3.10
N GLU A 160 13.41 -17.46 3.21
CA GLU A 160 14.35 -17.39 2.14
C GLU A 160 13.63 -17.68 0.80
N GLU A 161 12.65 -18.58 0.76
CA GLU A 161 11.91 -18.83 -0.51
C GLU A 161 10.84 -17.80 -0.87
N GLN A 162 10.13 -17.25 0.10
CA GLN A 162 9.00 -16.39 -0.17
C GLN A 162 9.12 -15.24 0.78
N PRO A 163 10.13 -14.41 0.59
CA PRO A 163 10.37 -13.28 1.47
C PRO A 163 9.24 -12.22 1.52
N LYS A 164 8.40 -12.11 0.48
CA LYS A 164 7.33 -11.10 0.43
C LYS A 164 6.05 -11.74 0.84
N ASN A 165 5.96 -12.22 2.06
CA ASN A 165 4.73 -12.88 2.53
C ASN A 165 4.57 -12.46 3.98
N TYR A 166 3.39 -12.05 4.39
CA TYR A 166 3.19 -11.66 5.77
C TYR A 166 3.33 -12.79 6.74
N GLN A 167 2.62 -13.87 6.45
CA GLN A 167 2.48 -15.00 7.36
C GLN A 167 3.83 -15.54 7.81
N VAL A 168 4.72 -15.65 6.84
CA VAL A 168 6.00 -16.25 7.03
C VAL A 168 6.81 -15.44 8.10
N TRP A 169 6.80 -14.12 8.05
CA TRP A 169 7.49 -13.27 9.02
C TRP A 169 6.75 -13.21 10.33
N HIS A 170 5.43 -13.23 10.27
CA HIS A 170 4.71 -13.21 11.51
C HIS A 170 5.03 -14.43 12.31
N HIS A 171 5.19 -15.54 11.63
CA HIS A 171 5.41 -16.82 12.26
C HIS A 171 6.78 -16.81 12.91
N ARG A 172 7.81 -16.46 12.15
CA ARG A 172 9.11 -16.20 12.77
C ARG A 172 9.03 -15.34 14.00
N ARG A 173 8.34 -14.21 13.90
CA ARG A 173 8.21 -13.41 15.08
C ARG A 173 7.67 -14.23 16.26
N VAL A 174 6.60 -15.01 16.09
CA VAL A 174 6.03 -15.70 17.24
C VAL A 174 7.03 -16.68 17.84
N LEU A 175 7.91 -17.21 17.01
CA LEU A 175 8.93 -18.14 17.47
C LEU A 175 9.85 -17.40 18.41
N VAL A 176 10.54 -16.37 17.89
CA VAL A 176 11.45 -15.55 18.68
C VAL A 176 10.77 -15.15 19.99
N GLU A 177 9.52 -14.76 19.95
CA GLU A 177 8.81 -14.47 21.20
C GLU A 177 8.71 -15.66 22.17
N TRP A 178 8.48 -16.86 21.65
CA TRP A 178 8.30 -18.06 22.48
C TRP A 178 9.66 -18.47 23.07
N LEU A 179 10.61 -18.76 22.17
CA LEU A 179 12.01 -18.97 22.50
C LEU A 179 12.68 -17.82 23.28
N LYS A 180 11.99 -16.66 23.39
CA LYS A 180 12.59 -15.44 23.94
C LYS A 180 14.01 -15.32 23.46
N ASP A 181 14.32 -15.49 22.16
CA ASP A 181 15.73 -15.51 21.75
C ASP A 181 16.09 -14.92 20.34
N PRO A 182 16.72 -13.74 20.31
CA PRO A 182 17.03 -13.07 19.04
C PRO A 182 18.39 -13.29 18.47
N SER A 183 19.13 -14.26 18.96
CA SER A 183 20.51 -14.41 18.54
C SER A 183 20.71 -14.58 17.05
N GLN A 184 19.73 -15.18 16.38
CA GLN A 184 19.89 -15.48 14.97
C GLN A 184 19.42 -14.36 14.05
N GLU A 185 18.64 -13.42 14.59
CA GLU A 185 17.83 -12.50 13.78
C GLU A 185 18.61 -11.50 12.96
N LEU A 186 19.51 -10.73 13.52
CA LEU A 186 20.15 -9.64 12.72
C LEU A 186 20.80 -10.22 11.48
N GLU A 187 21.38 -11.38 11.67
CA GLU A 187 22.22 -12.00 10.69
C GLU A 187 21.35 -12.61 9.62
N PHE A 188 20.29 -13.26 10.09
CA PHE A 188 19.26 -13.74 9.20
C PHE A 188 18.76 -12.61 8.32
N ILE A 189 18.18 -11.60 8.98
CA ILE A 189 17.60 -10.45 8.28
C ILE A 189 18.63 -9.94 7.30
N ALA A 190 19.89 -9.85 7.77
CA ALA A 190 20.96 -9.31 6.96
C ALA A 190 21.10 -10.05 5.63
N ASP A 191 20.87 -11.37 5.69
CA ASP A 191 20.98 -12.21 4.48
C ASP A 191 19.83 -12.02 3.50
N ILE A 192 18.58 -11.90 4.00
CA ILE A 192 17.47 -11.61 3.09
C ILE A 192 17.79 -10.27 2.48
N LEU A 193 18.14 -9.34 3.35
CA LEU A 193 18.39 -7.97 2.95
C LEU A 193 19.52 -7.90 2.00
N ASN A 194 20.43 -8.86 2.10
CA ASN A 194 21.42 -9.01 1.05
C ASN A 194 20.89 -9.43 -0.31
N GLN A 195 19.72 -10.05 -0.35
CA GLN A 195 19.07 -10.36 -1.65
C GLN A 195 18.13 -9.26 -2.09
N ASP A 196 17.37 -8.66 -1.18
CA ASP A 196 16.47 -7.53 -1.52
C ASP A 196 16.66 -6.52 -0.39
N ALA A 197 17.46 -5.51 -0.72
CA ALA A 197 17.88 -4.51 0.24
C ALA A 197 16.69 -3.66 0.65
N LYS A 198 15.56 -3.79 -0.01
CA LYS A 198 14.43 -2.96 0.31
C LYS A 198 13.22 -3.68 0.85
N ASN A 199 13.36 -4.98 1.13
CA ASN A 199 12.22 -5.85 1.51
C ASN A 199 11.52 -5.32 2.75
N TYR A 200 10.29 -4.87 2.55
CA TYR A 200 9.59 -4.17 3.62
C TYR A 200 9.49 -5.00 4.92
N HIS A 201 9.18 -6.29 4.82
CA HIS A 201 8.95 -7.13 5.99
C HIS A 201 10.27 -7.39 6.68
N ALA A 202 11.33 -7.50 5.90
CA ALA A 202 12.65 -7.72 6.50
C ALA A 202 13.04 -6.51 7.38
N TRP A 203 12.78 -5.29 6.90
CA TRP A 203 13.04 -4.10 7.73
C TRP A 203 12.09 -4.10 8.90
N GLN A 204 10.82 -4.39 8.64
CA GLN A 204 9.87 -4.40 9.75
C GLN A 204 10.29 -5.40 10.81
N HIS A 205 10.82 -6.52 10.37
CA HIS A 205 11.16 -7.51 11.34
C HIS A 205 12.33 -6.96 12.16
N ARG A 206 13.31 -6.45 11.42
CA ARG A 206 14.55 -5.91 12.02
C ARG A 206 14.28 -4.83 13.08
N GLN A 207 13.47 -3.84 12.72
CA GLN A 207 13.08 -2.88 13.73
C GLN A 207 12.48 -3.58 14.92
N TRP A 208 11.54 -4.45 14.68
CA TRP A 208 10.88 -5.05 15.83
C TRP A 208 11.88 -5.77 16.77
N VAL A 209 12.85 -6.47 16.19
CA VAL A 209 13.83 -7.16 16.99
C VAL A 209 14.72 -6.18 17.78
N ILE A 210 15.25 -5.17 17.09
CA ILE A 210 16.14 -4.18 17.67
C ILE A 210 15.41 -3.52 18.80
N GLN A 211 14.13 -3.22 18.63
CA GLN A 211 13.38 -2.62 19.73
C GLN A 211 13.25 -3.54 20.88
N GLU A 212 12.62 -4.69 20.66
CA GLU A 212 12.35 -5.67 21.74
C GLU A 212 13.53 -6.05 22.60
N PHE A 213 14.69 -6.20 21.99
CA PHE A 213 15.85 -6.76 22.64
C PHE A 213 16.94 -5.73 22.73
N ARG A 214 16.59 -4.46 22.54
CA ARG A 214 17.52 -3.37 22.77
C ARG A 214 18.82 -3.68 22.06
N LEU A 215 18.74 -4.12 20.80
CA LEU A 215 19.94 -4.46 20.04
C LEU A 215 20.41 -3.34 19.12
N TRP A 216 20.56 -2.17 19.73
CA TRP A 216 20.90 -0.96 18.99
C TRP A 216 22.42 -0.84 18.65
N ASP A 217 23.28 -1.43 19.46
CA ASP A 217 24.70 -1.08 19.40
C ASP A 217 25.37 -1.10 18.03
N ASN A 218 24.93 -1.98 17.16
CA ASN A 218 25.69 -2.14 15.94
C ASN A 218 24.97 -1.73 14.69
N GLU A 219 23.79 -1.16 14.85
CA GLU A 219 22.93 -0.95 13.71
C GLU A 219 23.36 0.20 12.80
N LEU A 220 23.85 1.29 13.39
CA LEU A 220 24.20 2.48 12.61
C LEU A 220 25.31 2.16 11.65
N GLN A 221 26.10 1.21 12.06
CA GLN A 221 27.21 0.73 11.29
C GLN A 221 26.72 -0.24 10.22
N TYR A 222 25.66 -0.99 10.52
CA TYR A 222 24.95 -1.67 9.46
C TYR A 222 24.48 -0.60 8.48
N VAL A 223 23.72 0.38 8.99
CA VAL A 223 23.27 1.44 8.09
C VAL A 223 24.37 2.04 7.25
N ASP A 224 25.61 2.14 7.76
CA ASP A 224 26.60 2.83 6.93
C ASP A 224 27.10 1.91 5.87
N GLN A 225 27.08 0.61 6.16
CA GLN A 225 27.55 -0.35 5.18
C GLN A 225 26.64 -0.37 3.97
N LEU A 226 25.33 -0.23 4.25
CA LEU A 226 24.33 -0.30 3.18
C LEU A 226 24.30 0.98 2.40
N LEU A 227 24.27 2.11 3.10
CA LEU A 227 24.29 3.40 2.40
C LEU A 227 25.51 3.45 1.48
N LYS A 228 26.64 2.94 1.94
CA LYS A 228 27.80 2.87 1.06
C LYS A 228 27.45 2.07 -0.20
N GLU A 229 26.91 0.86 -0.05
CA GLU A 229 26.54 0.03 -1.22
C GLU A 229 25.42 0.58 -2.11
N ASP A 230 24.45 1.31 -1.52
CA ASP A 230 23.46 2.08 -2.31
C ASP A 230 22.93 3.27 -1.55
N VAL A 231 23.49 4.45 -1.82
CA VAL A 231 23.10 5.65 -1.08
C VAL A 231 21.66 6.11 -1.42
N ARG A 232 21.06 5.51 -2.43
CA ARG A 232 19.67 5.76 -2.76
C ARG A 232 18.65 4.88 -2.02
N ASN A 233 19.12 3.91 -1.25
CA ASN A 233 18.22 3.00 -0.52
C ASN A 233 17.46 3.72 0.57
N ASN A 234 16.24 4.12 0.23
CA ASN A 234 15.42 4.87 1.15
C ASN A 234 15.01 4.09 2.37
N SER A 235 15.15 2.77 2.33
CA SER A 235 14.80 1.93 3.48
C SER A 235 15.94 2.07 4.49
N VAL A 236 17.15 2.26 3.98
CA VAL A 236 18.31 2.43 4.84
C VAL A 236 18.31 3.81 5.49
N TRP A 237 17.91 4.86 4.75
CA TRP A 237 17.74 6.18 5.36
C TRP A 237 16.66 6.13 6.39
N ASN A 238 15.59 5.39 6.15
CA ASN A 238 14.58 5.32 7.21
C ASN A 238 15.18 4.64 8.41
N GLN A 239 16.07 3.68 8.18
CA GLN A 239 16.64 2.94 9.29
C GLN A 239 17.53 3.89 10.10
N ARG A 240 18.45 4.59 9.43
CA ARG A 240 19.23 5.62 10.10
C ARG A 240 18.41 6.53 11.02
N HIS A 241 17.27 6.98 10.52
CA HIS A 241 16.42 7.84 11.33
C HIS A 241 15.88 7.12 12.53
N PHE A 242 15.78 5.79 12.42
CA PHE A 242 15.09 5.02 13.44
C PHE A 242 16.08 4.67 14.52
N VAL A 243 17.28 4.25 14.13
CA VAL A 243 18.36 4.07 15.11
C VAL A 243 18.59 5.35 15.95
N ILE A 244 19.04 6.41 15.27
CA ILE A 244 19.41 7.67 15.91
C ILE A 244 18.20 8.11 16.69
N SER A 245 17.07 8.18 16.06
CA SER A 245 16.03 8.80 16.81
C SER A 245 15.81 8.02 18.13
N ASN A 246 16.10 6.73 18.19
CA ASN A 246 15.87 6.01 19.46
C ASN A 246 17.09 5.89 20.42
N THR A 247 18.30 6.01 19.91
CA THR A 247 19.48 5.99 20.73
C THR A 247 19.76 7.42 21.26
N THR A 248 20.68 8.13 20.59
CA THR A 248 21.12 9.50 20.96
C THR A 248 20.01 10.52 20.80
N GLY A 249 19.26 10.44 19.73
CA GLY A 249 18.27 11.45 19.47
C GLY A 249 18.88 12.52 18.61
N TYR A 250 18.02 13.39 18.09
CA TYR A 250 18.40 14.40 17.09
C TYR A 250 18.55 15.79 17.73
N SER A 251 18.18 15.83 18.99
CA SER A 251 18.17 16.99 19.79
C SER A 251 19.52 17.15 20.44
N ASP A 252 20.52 16.40 20.03
CA ASP A 252 21.91 16.63 20.45
C ASP A 252 22.71 17.28 19.34
N ARG A 253 23.20 18.49 19.59
CA ARG A 253 23.90 19.29 18.61
C ARG A 253 25.09 18.71 17.86
N ALA A 254 25.98 18.00 18.54
CA ALA A 254 27.08 17.29 17.88
C ALA A 254 26.47 16.36 16.84
N VAL A 255 25.41 15.63 17.25
CA VAL A 255 24.77 14.61 16.43
C VAL A 255 24.01 15.24 15.26
N LEU A 256 23.11 16.19 15.55
CA LEU A 256 22.44 16.90 14.45
C LEU A 256 23.45 17.43 13.40
N GLU A 257 24.59 17.90 13.86
CA GLU A 257 25.64 18.37 12.98
C GLU A 257 26.25 17.25 12.16
N ARG A 258 26.75 16.22 12.83
CA ARG A 258 27.39 15.10 12.14
C ARG A 258 26.41 14.59 11.09
N GLU A 259 25.13 14.50 11.48
CA GLU A 259 24.10 14.10 10.58
C GLU A 259 24.07 15.03 9.38
N VAL A 260 23.74 16.30 9.64
CA VAL A 260 23.54 17.25 8.55
C VAL A 260 24.78 17.31 7.65
N GLN A 261 25.96 17.21 8.24
CA GLN A 261 27.21 17.28 7.44
C GLN A 261 27.34 16.08 6.49
N TYR A 262 26.91 14.93 7.00
CA TYR A 262 26.84 13.68 6.23
C TYR A 262 25.88 13.80 5.06
N THR A 263 24.65 14.23 5.36
CA THR A 263 23.61 14.40 4.35
C THR A 263 23.98 15.36 3.23
N LEU A 264 24.69 16.46 3.55
CA LEU A 264 25.14 17.40 2.50
C LEU A 264 26.24 16.74 1.73
N GLU A 265 27.07 15.98 2.44
CA GLU A 265 28.17 15.32 1.76
C GLU A 265 27.68 14.29 0.77
N MET A 266 26.54 13.69 1.06
CA MET A 266 25.89 12.79 0.13
C MET A 266 25.25 13.60 -0.98
N ILE A 267 24.39 14.55 -0.63
CA ILE A 267 23.84 15.44 -1.66
C ILE A 267 24.91 15.97 -2.62
N LYS A 268 26.17 16.13 -2.16
CA LYS A 268 27.23 16.58 -3.06
C LYS A 268 27.52 15.50 -4.04
N LEU A 269 27.86 14.31 -3.51
CA LEU A 269 28.32 13.18 -4.34
C LEU A 269 27.30 12.79 -5.43
N VAL A 270 26.01 12.98 -5.10
CA VAL A 270 24.87 12.56 -5.90
C VAL A 270 23.74 13.54 -5.58
N PRO A 271 23.80 14.74 -6.17
CA PRO A 271 22.76 15.80 -5.99
C PRO A 271 21.34 15.41 -6.30
N HIS A 272 21.15 14.46 -7.20
CA HIS A 272 19.79 14.09 -7.70
C HIS A 272 19.07 12.93 -6.96
N ASN A 273 19.77 12.23 -6.07
CA ASN A 273 19.17 11.35 -5.06
C ASN A 273 18.24 12.07 -4.07
N GLU A 274 16.94 11.86 -4.20
CA GLU A 274 15.95 12.51 -3.33
C GLU A 274 15.96 12.04 -1.89
N SER A 275 16.58 10.90 -1.65
CA SER A 275 16.49 10.31 -0.31
C SER A 275 17.30 11.12 0.71
N ALA A 276 18.54 11.47 0.35
CA ALA A 276 19.36 12.42 1.13
C ALA A 276 18.56 13.71 1.38
N TRP A 277 17.97 14.23 0.32
CA TRP A 277 17.19 15.45 0.46
C TRP A 277 16.06 15.32 1.45
N ASN A 278 15.33 14.22 1.39
CA ASN A 278 14.25 14.05 2.39
C ASN A 278 14.74 13.80 3.81
N TYR A 279 15.91 13.19 3.92
CA TYR A 279 16.51 12.98 5.22
C TYR A 279 16.87 14.35 5.85
N LEU A 280 17.64 15.15 5.10
CA LEU A 280 17.97 16.53 5.46
C LEU A 280 16.79 17.34 5.91
N LYS A 281 15.74 17.36 5.11
CA LYS A 281 14.54 18.09 5.50
C LYS A 281 13.92 17.46 6.70
N GLY A 282 14.01 16.14 6.86
CA GLY A 282 13.28 15.48 7.94
C GLY A 282 13.86 15.73 9.33
N ILE A 283 15.17 15.84 9.38
CA ILE A 283 15.84 16.03 10.62
C ILE A 283 15.74 17.49 11.09
N LEU A 284 15.88 18.46 10.18
CA LEU A 284 15.78 19.91 10.54
C LEU A 284 14.38 20.44 10.78
N GLN A 285 13.39 19.96 10.06
CA GLN A 285 12.12 20.71 9.99
C GLN A 285 11.24 20.60 11.22
N ASP A 286 11.39 19.51 11.96
CA ASP A 286 10.81 19.43 13.28
C ASP A 286 11.05 20.76 13.93
N ARG A 287 12.34 21.12 13.99
CA ARG A 287 12.81 22.34 14.70
C ARG A 287 12.49 23.69 13.98
N GLY A 288 12.40 23.69 12.66
CA GLY A 288 12.03 24.87 11.91
C GLY A 288 13.24 25.29 11.12
N LEU A 289 13.18 25.18 9.81
CA LEU A 289 14.31 25.50 8.93
C LEU A 289 14.96 26.88 9.16
N SER A 290 14.16 27.87 9.55
CA SER A 290 14.67 29.23 9.75
C SER A 290 15.48 29.37 11.03
N ARG A 291 15.53 28.32 11.85
CA ARG A 291 16.38 28.28 13.04
C ARG A 291 17.88 28.32 12.63
N TYR A 292 18.14 27.83 11.43
CA TYR A 292 19.47 27.59 10.91
C TYR A 292 19.84 28.52 9.74
N PRO A 293 20.33 29.75 10.02
CA PRO A 293 20.39 30.78 8.96
C PRO A 293 21.47 30.56 7.91
N ASN A 294 22.53 29.82 8.26
CA ASN A 294 23.57 29.45 7.28
C ASN A 294 23.08 28.59 6.12
N LEU A 295 22.05 27.81 6.39
CA LEU A 295 21.58 26.78 5.49
C LEU A 295 21.07 27.42 4.23
N LEU A 296 20.15 28.39 4.38
CA LEU A 296 19.62 29.12 3.24
C LEU A 296 20.75 29.56 2.34
N ASN A 297 21.70 30.27 2.96
CA ASN A 297 22.92 30.72 2.27
C ASN A 297 23.71 29.61 1.61
N GLN A 298 24.03 28.57 2.35
CA GLN A 298 24.87 27.49 1.84
C GLN A 298 24.24 26.77 0.67
N LEU A 299 22.91 26.61 0.68
CA LEU A 299 22.26 25.93 -0.45
C LEU A 299 22.35 26.86 -1.66
N LEU A 300 22.16 28.17 -1.43
CA LEU A 300 22.37 29.14 -2.50
C LEU A 300 23.74 28.98 -3.20
N ASP A 301 24.80 28.63 -2.46
CA ASP A 301 26.15 28.42 -3.06
C ASP A 301 26.14 27.40 -4.21
N LEU A 302 26.02 26.12 -3.89
CA LEU A 302 26.11 25.03 -4.88
C LEU A 302 24.98 24.99 -5.99
N GLN A 303 24.32 26.13 -6.25
CA GLN A 303 23.21 26.15 -7.20
C GLN A 303 23.69 25.96 -8.68
N PRO A 304 24.47 26.94 -9.25
CA PRO A 304 25.21 26.63 -10.49
C PRO A 304 25.76 25.18 -10.57
N SER A 305 26.80 24.85 -9.82
CA SER A 305 27.52 23.55 -10.00
C SER A 305 26.76 22.22 -9.61
N HIS A 306 25.58 22.32 -8.98
CA HIS A 306 24.87 21.13 -8.45
C HIS A 306 23.33 21.23 -8.50
N SER A 307 22.76 22.14 -9.28
CA SER A 307 21.28 22.38 -9.26
C SER A 307 20.38 21.10 -9.42
N SER A 308 19.12 21.26 -9.02
CA SER A 308 18.13 20.21 -9.02
C SER A 308 16.83 20.78 -8.47
N PRO A 309 15.71 20.22 -8.91
CA PRO A 309 14.41 20.57 -8.33
C PRO A 309 14.32 20.37 -6.81
N TYR A 310 15.17 19.50 -6.23
CA TYR A 310 15.19 19.31 -4.77
C TYR A 310 15.81 20.55 -4.09
N LEU A 311 16.90 21.04 -4.67
CA LEU A 311 17.51 22.30 -4.23
C LEU A 311 16.49 23.44 -4.21
N ILE A 312 15.77 23.62 -5.30
CA ILE A 312 14.81 24.73 -5.37
C ILE A 312 13.68 24.55 -4.34
N ALA A 313 13.28 23.30 -4.14
CA ALA A 313 12.13 23.04 -3.28
C ALA A 313 12.51 23.21 -1.82
N PHE A 314 13.77 22.88 -1.52
CA PHE A 314 14.25 23.11 -0.19
C PHE A 314 14.29 24.63 0.08
N LEU A 315 14.77 25.43 -0.88
CA LEU A 315 14.79 26.87 -0.69
C LEU A 315 13.38 27.31 -0.38
N VAL A 316 12.41 26.86 -1.16
CA VAL A 316 11.03 27.25 -0.84
C VAL A 316 10.56 26.84 0.57
N ASP A 317 10.97 25.67 1.05
CA ASP A 317 10.59 25.27 2.43
C ASP A 317 11.17 26.26 3.47
N ILE A 318 12.44 26.62 3.25
CA ILE A 318 13.12 27.70 3.99
C ILE A 318 12.35 29.02 3.95
N TYR A 319 12.13 29.59 2.77
CA TYR A 319 11.31 30.79 2.71
C TYR A 319 9.97 30.65 3.43
N GLU A 320 9.36 29.45 3.38
CA GLU A 320 8.05 29.26 4.02
C GLU A 320 8.20 29.49 5.50
N ASP A 321 9.24 28.89 6.07
CA ASP A 321 9.49 28.96 7.51
C ASP A 321 9.83 30.40 7.97
N MET A 322 10.55 31.14 7.12
CA MET A 322 10.93 32.52 7.41
C MET A 322 9.70 33.35 7.52
N LEU A 323 8.83 33.24 6.52
CA LEU A 323 7.62 34.07 6.47
C LEU A 323 6.64 33.80 7.60
N GLU A 324 6.70 32.62 8.20
CA GLU A 324 5.83 32.28 9.33
C GLU A 324 6.43 32.72 10.64
N ASN A 325 7.75 32.95 10.62
CA ASN A 325 8.48 33.47 11.78
C ASN A 325 8.74 35.02 11.75
N GLN A 326 7.88 35.77 11.05
CA GLN A 326 7.79 37.25 11.15
C GLN A 326 9.08 37.99 10.87
N CYS A 327 9.76 37.52 9.83
CA CYS A 327 11.17 37.83 9.62
C CYS A 327 11.49 39.08 8.74
N ASP A 328 12.76 39.18 8.38
CA ASP A 328 13.29 40.33 7.64
C ASP A 328 12.74 40.33 6.23
N ASN A 329 11.78 41.21 5.96
CA ASN A 329 11.19 41.32 4.64
C ASN A 329 10.05 40.33 4.43
N LYS A 330 8.86 40.69 4.92
CA LYS A 330 7.69 39.84 4.78
C LYS A 330 7.25 39.73 3.33
N GLU A 331 7.22 40.86 2.64
CA GLU A 331 6.82 40.89 1.23
C GLU A 331 7.99 40.55 0.32
N ASP A 332 9.20 40.77 0.82
CA ASP A 332 10.41 40.49 0.06
C ASP A 332 10.56 38.99 -0.20
N ILE A 333 10.78 38.24 0.87
CA ILE A 333 10.94 36.79 0.76
C ILE A 333 9.81 36.17 -0.04
N LEU A 334 8.58 36.62 0.24
CA LEU A 334 7.39 36.12 -0.46
C LEU A 334 7.61 36.02 -1.97
N ASN A 335 8.36 36.97 -2.56
CA ASN A 335 8.58 36.93 -3.99
C ASN A 335 9.63 35.95 -4.42
N LYS A 336 10.75 35.88 -3.72
CA LYS A 336 11.66 34.78 -3.99
C LYS A 336 10.88 33.43 -4.05
N ALA A 337 10.03 33.19 -3.05
CA ALA A 337 9.29 31.94 -2.98
C ALA A 337 8.47 31.83 -4.25
N LEU A 338 7.45 32.71 -4.36
CA LEU A 338 6.46 32.71 -5.45
C LEU A 338 7.09 32.57 -6.82
N GLU A 339 8.29 33.10 -6.96
CA GLU A 339 9.05 32.99 -8.19
C GLU A 339 9.42 31.57 -8.56
N LEU A 340 10.11 30.91 -7.64
CA LEU A 340 10.50 29.49 -7.77
C LEU A 340 9.29 28.54 -7.83
N CYS A 341 8.22 28.84 -7.12
CA CYS A 341 6.97 28.17 -7.39
C CYS A 341 6.60 28.11 -8.85
N GLU A 342 6.88 29.18 -9.61
CA GLU A 342 6.69 29.11 -11.06
C GLU A 342 7.85 28.41 -11.75
N ILE A 343 9.10 28.66 -11.36
CA ILE A 343 10.16 27.87 -12.02
C ILE A 343 9.89 26.34 -11.88
N LEU A 344 9.33 25.93 -10.75
CA LEU A 344 9.01 24.52 -10.56
C LEU A 344 7.71 24.20 -11.33
N ALA A 345 6.61 24.89 -11.03
CA ALA A 345 5.32 24.58 -11.67
C ALA A 345 5.38 24.62 -13.17
N LYS A 346 6.25 25.46 -13.74
CA LYS A 346 6.22 25.70 -15.18
C LYS A 346 7.41 25.18 -15.94
N GLU A 347 8.57 25.09 -15.33
CA GLU A 347 9.71 24.55 -16.07
C GLU A 347 10.31 23.33 -15.35
N LYS A 348 10.76 23.51 -14.10
CA LYS A 348 11.68 22.55 -13.47
C LYS A 348 11.03 21.30 -12.82
N ASP A 349 9.71 21.31 -12.65
CA ASP A 349 9.05 20.22 -11.95
C ASP A 349 7.55 20.19 -12.14
N THR A 350 7.19 19.93 -13.38
CA THR A 350 5.86 20.18 -13.88
C THR A 350 4.93 19.01 -13.58
N ILE A 351 5.49 17.81 -13.36
CA ILE A 351 4.71 16.68 -12.90
C ILE A 351 3.91 17.07 -11.67
N ARG A 352 4.47 17.98 -10.89
CA ARG A 352 3.84 18.59 -9.69
C ARG A 352 3.21 19.97 -9.85
N LYS A 353 3.09 20.48 -11.08
CA LYS A 353 2.52 21.83 -11.30
C LYS A 353 1.35 22.14 -10.36
N GLU A 354 0.44 21.20 -10.23
CA GLU A 354 -0.71 21.41 -9.42
C GLU A 354 -0.42 21.61 -7.94
N TYR A 355 0.71 21.08 -7.50
CA TYR A 355 1.10 21.21 -6.09
C TYR A 355 1.79 22.53 -5.89
N TRP A 356 2.70 22.86 -6.78
CA TRP A 356 3.38 24.13 -6.71
C TRP A 356 2.51 25.38 -6.84
N ARG A 357 1.49 25.31 -7.65
CA ARG A 357 0.55 26.39 -7.72
C ARG A 357 -0.25 26.46 -6.42
N TYR A 358 -0.50 25.34 -5.75
CA TYR A 358 -1.20 25.43 -4.43
C TYR A 358 -0.32 26.14 -3.43
N ILE A 359 0.99 25.89 -3.51
CA ILE A 359 1.95 26.47 -2.58
C ILE A 359 2.08 27.99 -2.80
N GLY A 360 2.43 28.41 -4.02
CA GLY A 360 2.46 29.84 -4.35
C GLY A 360 1.18 30.50 -3.86
N ARG A 361 0.07 29.87 -4.18
CA ARG A 361 -1.23 30.45 -3.94
C ARG A 361 -1.56 30.45 -2.43
N SER A 362 -0.97 29.56 -1.63
CA SER A 362 -1.18 29.55 -0.17
C SER A 362 -0.33 30.61 0.52
N LEU A 363 0.92 30.72 0.06
CA LEU A 363 1.81 31.76 0.49
C LEU A 363 1.11 33.11 0.35
N GLN A 364 0.81 33.51 -0.88
CA GLN A 364 0.01 34.69 -1.10
C GLN A 364 -1.16 34.78 -0.13
N SER A 365 -2.03 33.79 -0.14
CA SER A 365 -3.23 33.87 0.67
C SER A 365 -3.03 34.06 2.17
N LYS A 366 -1.80 33.98 2.67
CA LYS A 366 -1.56 34.22 4.11
C LYS A 366 -0.34 35.12 4.44
N HIS A 367 0.44 35.50 3.44
CA HIS A 367 1.47 36.52 3.60
C HIS A 367 1.23 37.66 2.59
N SER A 368 0.01 38.22 2.72
CA SER A 368 -0.42 39.41 2.01
C SER A 368 -1.22 40.36 2.92
N ARG A 369 -1.01 41.67 2.68
CA ARG A 369 -1.21 42.81 3.63
C ARG A 369 0.02 43.76 3.47
N GLU B 21 -0.24 20.46 -27.52
CA GLU B 21 -0.69 19.49 -28.59
C GLU B 21 0.15 18.13 -28.69
N PRO B 22 -0.49 17.02 -28.26
CA PRO B 22 -1.57 16.85 -27.26
C PRO B 22 -1.23 16.03 -25.98
N LEU B 23 -0.25 15.12 -26.07
CA LEU B 23 -0.03 14.08 -25.06
C LEU B 23 1.32 14.31 -24.35
N TYR B 24 1.22 14.63 -23.06
CA TYR B 24 2.31 15.15 -22.24
C TYR B 24 3.55 14.26 -22.18
N SER B 25 3.38 12.94 -22.25
CA SER B 25 4.55 12.03 -22.20
C SER B 25 5.29 12.05 -23.53
N LEU B 26 4.57 12.41 -24.59
CA LEU B 26 5.14 12.39 -25.93
C LEU B 26 5.81 13.73 -26.30
N ARG B 27 5.41 14.83 -25.65
CA ARG B 27 6.06 16.10 -25.92
C ARG B 27 7.60 16.00 -25.92
N PRO B 28 8.29 16.67 -26.84
CA PRO B 28 9.77 16.76 -26.88
C PRO B 28 10.44 17.14 -25.57
N GLU B 29 9.94 18.19 -24.91
CA GLU B 29 10.44 18.64 -23.59
C GLU B 29 10.62 17.43 -22.63
N HIS B 30 9.68 16.49 -22.69
CA HIS B 30 9.60 15.42 -21.75
C HIS B 30 10.86 14.52 -21.71
N ALA B 31 11.60 14.42 -22.81
CA ALA B 31 12.85 13.62 -22.85
C ALA B 31 13.74 14.04 -21.72
N ARG B 32 13.55 15.28 -21.28
CA ARG B 32 14.34 15.91 -20.20
C ARG B 32 14.09 15.31 -18.82
N GLU B 33 12.85 14.87 -18.58
CA GLU B 33 12.50 14.25 -17.32
C GLU B 33 13.21 12.91 -16.99
N ARG B 34 14.12 12.47 -17.84
CA ARG B 34 14.79 11.19 -17.62
C ARG B 34 15.84 11.25 -16.55
N LEU B 35 16.09 10.10 -15.95
CA LEU B 35 16.91 10.04 -14.77
C LEU B 35 18.24 10.71 -15.01
N GLN B 36 18.61 11.62 -14.10
CA GLN B 36 20.01 12.01 -13.94
C GLN B 36 20.65 11.20 -12.84
N ASP B 37 21.48 10.25 -13.23
CA ASP B 37 22.20 9.44 -12.25
C ASP B 37 23.49 10.10 -11.73
N ASP B 38 23.60 11.44 -11.82
CA ASP B 38 24.80 12.14 -11.36
C ASP B 38 26.06 11.29 -11.51
N SER B 39 26.07 10.49 -12.57
CA SER B 39 27.19 9.62 -12.85
C SER B 39 27.59 8.62 -11.76
N VAL B 40 26.85 8.58 -10.67
CA VAL B 40 27.01 7.56 -9.63
C VAL B 40 25.91 6.52 -9.81
N GLU B 41 26.29 5.27 -9.88
CA GLU B 41 25.35 4.20 -10.20
C GLU B 41 25.16 3.18 -9.07
N THR B 42 23.92 2.98 -8.65
CA THR B 42 23.60 1.91 -7.73
C THR B 42 22.44 1.10 -8.29
N VAL B 43 22.12 0.03 -7.56
CA VAL B 43 21.02 -0.87 -7.91
C VAL B 43 19.84 0.03 -8.17
N THR B 44 19.53 0.90 -7.22
CA THR B 44 18.42 1.81 -7.39
C THR B 44 18.43 2.49 -8.76
N SER B 45 19.52 3.16 -9.14
CA SER B 45 19.51 3.88 -10.44
C SER B 45 19.46 2.92 -11.65
N ILE B 46 20.35 1.95 -11.69
CA ILE B 46 20.33 0.98 -12.76
C ILE B 46 18.90 0.56 -13.01
N GLU B 47 18.22 0.16 -11.95
CA GLU B 47 16.89 -0.41 -12.07
C GLU B 47 15.83 0.60 -12.49
N GLN B 48 15.93 1.82 -11.99
CA GLN B 48 15.03 2.86 -12.43
C GLN B 48 15.28 3.18 -13.92
N ALA B 49 16.57 3.30 -14.26
CA ALA B 49 17.00 3.52 -15.65
C ALA B 49 16.33 2.50 -16.57
N LYS B 50 16.47 1.22 -16.22
CA LYS B 50 15.76 0.15 -16.91
C LYS B 50 14.25 0.35 -17.15
N VAL B 51 13.45 0.75 -16.18
CA VAL B 51 12.02 0.95 -16.48
C VAL B 51 11.86 2.15 -17.43
N GLU B 52 12.64 3.20 -17.22
CA GLU B 52 12.55 4.39 -18.07
C GLU B 52 12.82 4.00 -19.51
N GLU B 53 13.81 3.14 -19.69
CA GLU B 53 14.04 2.45 -20.95
C GLU B 53 12.78 1.84 -21.60
N LYS B 54 12.13 0.90 -20.91
CA LYS B 54 10.94 0.26 -21.47
C LYS B 54 9.82 1.26 -21.62
N ILE B 55 9.75 2.26 -20.74
CA ILE B 55 8.64 3.19 -20.85
C ILE B 55 8.84 4.07 -22.04
N GLN B 56 10.10 4.42 -22.34
CA GLN B 56 10.39 5.24 -23.52
C GLN B 56 10.01 4.48 -24.79
N GLU B 57 10.47 3.25 -24.91
CA GLU B 57 9.95 2.34 -25.94
C GLU B 57 8.46 2.55 -26.09
N VAL B 58 7.65 2.29 -25.06
CA VAL B 58 6.18 2.40 -25.22
C VAL B 58 5.75 3.77 -25.71
N PHE B 59 6.36 4.85 -25.21
CA PHE B 59 5.95 6.21 -25.62
C PHE B 59 6.34 6.45 -27.06
N SER B 60 7.62 6.25 -27.35
CA SER B 60 8.15 6.29 -28.72
C SER B 60 7.45 5.35 -29.68
N SER B 61 6.65 4.38 -29.19
CA SER B 61 6.03 3.46 -30.11
C SER B 61 5.35 4.32 -31.15
N TYR B 62 4.56 5.30 -30.70
CA TYR B 62 3.58 5.97 -31.59
C TYR B 62 4.23 6.74 -32.78
N LYS B 63 5.21 7.60 -32.48
CA LYS B 63 6.17 8.05 -33.51
C LYS B 63 6.70 6.87 -34.39
N PHE B 64 7.87 6.29 -34.03
CA PHE B 64 8.64 5.24 -34.80
C PHE B 64 7.77 4.45 -35.81
N ASN B 65 6.55 4.09 -35.38
CA ASN B 65 5.59 3.31 -36.19
C ASN B 65 5.11 3.99 -37.47
N HIS B 66 4.89 5.31 -37.39
CA HIS B 66 4.31 6.16 -38.46
C HIS B 66 2.75 6.10 -38.54
N LEU B 67 2.07 6.40 -37.41
CA LEU B 67 0.69 6.97 -37.41
C LEU B 67 0.51 7.71 -36.06
N VAL B 68 -0.42 8.69 -36.03
CA VAL B 68 -0.67 9.54 -34.84
C VAL B 68 -1.30 8.72 -33.67
N PRO B 69 -1.09 9.20 -32.40
CA PRO B 69 -1.76 8.54 -31.25
C PRO B 69 -3.27 8.84 -31.18
N ARG B 70 -3.94 8.03 -30.37
CA ARG B 70 -5.30 8.30 -29.90
C ARG B 70 -5.54 7.18 -28.92
N LEU B 71 -5.83 7.52 -27.66
CA LEU B 71 -5.74 6.54 -26.56
C LEU B 71 -7.07 5.91 -26.20
N VAL B 72 -7.15 4.58 -26.30
CA VAL B 72 -8.39 3.87 -26.02
C VAL B 72 -8.30 3.00 -24.77
N LEU B 73 -9.33 3.08 -23.95
CA LEU B 73 -9.52 2.14 -22.89
C LEU B 73 -10.23 0.88 -23.46
N GLN B 74 -9.46 -0.18 -23.67
CA GLN B 74 -9.97 -1.49 -24.14
C GLN B 74 -11.09 -2.09 -23.28
N ARG B 75 -12.24 -1.39 -23.21
CA ARG B 75 -13.36 -1.77 -22.33
C ARG B 75 -13.88 -3.17 -22.53
N GLU B 76 -14.16 -3.55 -23.77
CA GLU B 76 -14.78 -4.85 -24.01
C GLU B 76 -13.78 -5.96 -23.66
N LYS B 77 -12.53 -5.81 -24.06
CA LYS B 77 -11.49 -6.74 -23.60
C LYS B 77 -11.45 -6.86 -22.06
N HIS B 78 -11.47 -5.73 -21.34
CA HIS B 78 -11.44 -5.83 -19.85
C HIS B 78 -12.69 -6.55 -19.36
N PHE B 79 -13.83 -6.18 -19.89
CA PHE B 79 -15.06 -6.79 -19.48
C PHE B 79 -15.07 -8.32 -19.61
N HIS B 80 -14.67 -8.87 -20.77
CA HIS B 80 -14.70 -10.37 -20.95
C HIS B 80 -13.79 -11.07 -19.94
N TYR B 81 -12.59 -10.50 -19.73
CA TYR B 81 -11.68 -10.90 -18.66
C TYR B 81 -12.31 -10.91 -17.29
N LEU B 82 -13.11 -9.90 -17.00
CA LEU B 82 -13.69 -9.79 -15.69
C LEU B 82 -14.78 -10.79 -15.55
N LYS B 83 -15.74 -10.74 -16.49
CA LYS B 83 -16.94 -11.58 -16.50
C LYS B 83 -16.61 -13.06 -16.26
N ARG B 84 -15.53 -13.50 -16.89
CA ARG B 84 -15.07 -14.88 -16.80
C ARG B 84 -14.41 -15.26 -15.44
N GLY B 85 -13.53 -14.36 -15.00
CA GLY B 85 -12.82 -14.49 -13.76
C GLY B 85 -13.75 -14.50 -12.60
N LEU B 86 -14.84 -13.76 -12.67
CA LEU B 86 -15.82 -13.74 -11.56
C LEU B 86 -16.39 -15.12 -11.30
N ARG B 87 -16.31 -15.97 -12.32
CA ARG B 87 -16.92 -17.28 -12.28
C ARG B 87 -15.97 -18.39 -12.00
N GLN B 88 -14.79 -18.30 -12.60
CA GLN B 88 -13.85 -19.41 -12.61
C GLN B 88 -12.42 -18.95 -12.88
N LEU B 89 -11.44 -19.68 -12.32
CA LEU B 89 -10.04 -19.30 -12.40
C LEU B 89 -9.15 -20.52 -12.57
N THR B 90 -8.07 -20.33 -13.32
CA THR B 90 -7.06 -21.37 -13.53
C THR B 90 -6.22 -21.51 -12.25
N ASP B 91 -5.40 -22.55 -12.20
CA ASP B 91 -4.68 -22.86 -10.98
C ASP B 91 -3.51 -21.92 -10.76
N ALA B 92 -3.30 -20.99 -11.67
CA ALA B 92 -2.41 -19.91 -11.38
C ALA B 92 -2.90 -19.19 -10.12
N TYR B 93 -4.17 -19.36 -9.76
CA TYR B 93 -4.74 -18.68 -8.59
C TYR B 93 -4.79 -19.50 -7.33
N GLU B 94 -3.99 -20.55 -7.29
CA GLU B 94 -3.91 -21.33 -6.08
C GLU B 94 -3.54 -20.43 -4.92
N CYS B 95 -2.61 -19.50 -5.14
CA CYS B 95 -2.08 -18.66 -4.06
C CYS B 95 -3.02 -17.56 -3.60
N LEU B 96 -4.14 -17.39 -4.30
CA LEU B 96 -5.17 -16.48 -3.85
C LEU B 96 -6.37 -17.21 -3.31
N ASP B 97 -6.17 -18.49 -3.01
CA ASP B 97 -7.18 -19.32 -2.35
C ASP B 97 -7.55 -18.87 -0.93
N ALA B 98 -6.67 -18.14 -0.26
CA ALA B 98 -7.08 -17.56 1.05
C ALA B 98 -7.65 -16.13 0.84
N SER B 99 -7.87 -15.70 -0.39
CA SER B 99 -8.29 -14.31 -0.66
C SER B 99 -9.48 -14.27 -1.56
N ARG B 100 -10.47 -15.09 -1.36
CA ARG B 100 -11.45 -15.13 -2.42
C ARG B 100 -12.36 -13.94 -2.46
N PRO B 101 -12.82 -13.46 -1.29
CA PRO B 101 -13.58 -12.25 -1.23
C PRO B 101 -12.86 -11.10 -1.90
N TRP B 102 -11.55 -11.07 -1.78
CA TRP B 102 -10.77 -10.06 -2.46
C TRP B 102 -11.03 -10.13 -3.93
N LEU B 103 -10.92 -11.32 -4.49
CA LEU B 103 -11.25 -11.57 -5.92
C LEU B 103 -12.66 -11.08 -6.27
N CYS B 104 -13.66 -11.40 -5.46
CA CYS B 104 -14.98 -10.81 -5.70
C CYS B 104 -14.94 -9.33 -5.77
N TYR B 105 -14.40 -8.70 -4.72
CA TYR B 105 -14.36 -7.25 -4.64
C TYR B 105 -13.61 -6.70 -5.83
N TRP B 106 -12.40 -7.19 -6.08
CA TRP B 106 -11.60 -6.61 -7.13
C TRP B 106 -12.36 -6.63 -8.46
N ILE B 107 -13.04 -7.77 -8.76
CA ILE B 107 -13.67 -7.97 -10.06
C ILE B 107 -14.95 -7.18 -10.08
N LEU B 108 -15.80 -7.31 -9.07
CA LEU B 108 -17.04 -6.55 -9.09
C LEU B 108 -16.75 -5.06 -9.21
N HIS B 109 -15.65 -4.60 -8.60
CA HIS B 109 -15.44 -3.20 -8.57
C HIS B 109 -14.95 -2.75 -9.92
N SER B 110 -14.15 -3.55 -10.57
CA SER B 110 -13.76 -3.21 -11.90
C SER B 110 -15.00 -3.16 -12.86
N LEU B 111 -15.94 -4.11 -12.68
CA LEU B 111 -17.19 -4.11 -13.45
C LEU B 111 -17.96 -2.80 -13.23
N GLU B 112 -18.16 -2.38 -11.98
CA GLU B 112 -18.98 -1.22 -11.69
C GLU B 112 -18.30 0.03 -12.20
N LEU B 113 -16.99 0.04 -12.22
CA LEU B 113 -16.26 1.19 -12.79
C LEU B 113 -16.47 1.29 -14.31
N LEU B 114 -16.44 0.14 -15.00
CA LEU B 114 -16.55 0.07 -16.44
C LEU B 114 -18.03 0.17 -16.80
N ASP B 115 -18.86 0.21 -15.77
CA ASP B 115 -20.27 0.48 -15.87
C ASP B 115 -21.08 -0.68 -16.42
N GLU B 116 -20.83 -1.87 -15.87
CA GLU B 116 -21.44 -3.09 -16.34
C GLU B 116 -22.31 -3.68 -15.28
N PRO B 117 -23.55 -3.97 -15.62
CA PRO B 117 -24.39 -4.21 -14.46
C PRO B 117 -24.29 -5.67 -14.01
N ILE B 118 -24.50 -5.93 -12.75
CA ILE B 118 -24.37 -7.25 -12.22
C ILE B 118 -25.72 -8.00 -12.32
N PRO B 119 -25.83 -8.99 -13.22
CA PRO B 119 -27.04 -9.80 -13.22
C PRO B 119 -27.48 -10.28 -11.84
N GLN B 120 -28.78 -10.34 -11.55
CA GLN B 120 -29.26 -10.95 -10.30
C GLN B 120 -28.69 -12.38 -10.14
N ILE B 121 -28.54 -13.11 -11.25
CA ILE B 121 -27.92 -14.42 -11.27
C ILE B 121 -26.62 -14.41 -10.43
N VAL B 122 -25.66 -13.59 -10.89
CA VAL B 122 -24.34 -13.46 -10.27
C VAL B 122 -24.45 -12.82 -8.89
N ALA B 123 -25.08 -11.67 -8.77
CA ALA B 123 -25.22 -11.02 -7.49
C ALA B 123 -25.59 -12.02 -6.36
N THR B 124 -26.52 -12.89 -6.65
CA THR B 124 -27.03 -13.77 -5.63
C THR B 124 -26.07 -14.94 -5.34
N ASP B 125 -25.32 -15.37 -6.35
CA ASP B 125 -24.32 -16.42 -6.11
C ASP B 125 -23.13 -15.87 -5.31
N VAL B 126 -22.76 -14.63 -5.60
CA VAL B 126 -21.74 -13.93 -4.83
C VAL B 126 -22.24 -13.86 -3.43
N CYS B 127 -23.50 -13.49 -3.31
CA CYS B 127 -24.09 -13.38 -2.01
C CYS B 127 -23.92 -14.64 -1.23
N GLN B 128 -24.28 -15.76 -1.83
CA GLN B 128 -24.28 -17.01 -1.13
C GLN B 128 -22.90 -17.49 -0.84
N PHE B 129 -21.98 -17.19 -1.73
CA PHE B 129 -20.62 -17.55 -1.50
C PHE B 129 -20.03 -16.76 -0.31
N LEU B 130 -20.30 -15.46 -0.24
CA LEU B 130 -19.69 -14.66 0.80
C LEU B 130 -20.25 -15.08 2.13
N GLU B 131 -21.42 -15.67 2.05
CA GLU B 131 -22.09 -16.10 3.23
C GLU B 131 -21.39 -17.34 3.77
N LEU B 132 -21.05 -18.28 2.89
CA LEU B 132 -20.21 -19.44 3.20
C LEU B 132 -18.84 -19.01 3.76
N CYS B 133 -18.35 -17.88 3.30
CA CYS B 133 -17.15 -17.31 3.85
C CYS B 133 -17.24 -16.75 5.27
N GLN B 134 -18.46 -16.51 5.75
CA GLN B 134 -18.65 -15.75 6.98
C GLN B 134 -18.43 -16.67 8.16
N SER B 135 -17.61 -16.24 9.11
CA SER B 135 -17.41 -17.06 10.29
C SER B 135 -18.60 -16.97 11.23
N PRO B 136 -18.86 -18.07 11.94
CA PRO B 136 -19.88 -18.00 13.02
C PRO B 136 -19.43 -17.13 14.19
N ASP B 137 -18.22 -16.59 14.17
CA ASP B 137 -17.78 -15.66 15.21
C ASP B 137 -17.60 -14.23 14.74
N GLY B 138 -18.02 -13.97 13.50
CA GLY B 138 -17.99 -12.63 12.96
C GLY B 138 -16.85 -12.48 12.01
N GLY B 139 -17.03 -11.60 11.06
CA GLY B 139 -16.07 -11.46 9.99
C GLY B 139 -16.21 -12.55 8.97
N PHE B 140 -15.30 -12.46 8.01
CA PHE B 140 -15.23 -13.35 6.89
C PHE B 140 -13.81 -13.78 6.75
N GLY B 141 -13.62 -15.02 6.31
CA GLY B 141 -12.31 -15.54 5.91
C GLY B 141 -12.12 -15.66 4.40
N GLY B 142 -10.93 -16.15 4.01
CA GLY B 142 -10.47 -16.10 2.63
C GLY B 142 -11.21 -17.01 1.69
N GLY B 143 -11.90 -17.98 2.30
CA GLY B 143 -12.69 -18.95 1.64
C GLY B 143 -13.58 -19.63 2.68
N PRO B 144 -14.52 -20.48 2.22
CA PRO B 144 -15.45 -21.20 3.10
C PRO B 144 -14.75 -21.94 4.19
N GLY B 145 -15.19 -21.75 5.43
CA GLY B 145 -14.55 -22.36 6.60
C GLY B 145 -13.11 -22.06 6.93
N GLN B 146 -12.50 -21.10 6.28
CA GLN B 146 -11.25 -20.55 6.77
C GLN B 146 -11.64 -19.63 7.94
N TYR B 147 -10.68 -19.35 8.81
CA TYR B 147 -10.92 -18.43 9.87
C TYR B 147 -11.07 -17.03 9.35
N PRO B 148 -11.75 -16.18 10.13
CA PRO B 148 -11.98 -14.81 9.74
C PRO B 148 -10.72 -13.97 9.81
N HIS B 149 -10.67 -12.90 9.04
CA HIS B 149 -9.49 -12.08 8.95
C HIS B 149 -9.94 -10.73 8.40
N LEU B 150 -9.24 -9.65 8.71
CA LEU B 150 -9.79 -8.34 8.41
C LEU B 150 -9.75 -8.00 6.98
N ALA B 151 -8.75 -8.41 6.23
CA ALA B 151 -8.66 -8.03 4.80
C ALA B 151 -9.88 -8.59 3.98
N PRO B 152 -10.10 -9.93 4.05
CA PRO B 152 -11.28 -10.49 3.47
C PRO B 152 -12.61 -9.95 4.04
N THR B 153 -12.67 -9.64 5.34
CA THR B 153 -13.91 -9.07 5.92
C THR B 153 -14.19 -7.73 5.22
N TYR B 154 -13.14 -7.00 4.92
CA TYR B 154 -13.25 -5.73 4.23
C TYR B 154 -13.64 -5.89 2.77
N ALA B 155 -13.09 -6.92 2.14
CA ALA B 155 -13.40 -7.25 0.75
C ALA B 155 -14.84 -7.72 0.61
N ALA B 156 -15.28 -8.63 1.50
CA ALA B 156 -16.64 -9.16 1.55
C ALA B 156 -17.62 -8.01 1.66
N VAL B 157 -17.45 -7.18 2.68
CA VAL B 157 -18.38 -6.12 2.91
C VAL B 157 -18.42 -5.16 1.72
N ASN B 158 -17.29 -4.78 1.15
CA ASN B 158 -17.34 -3.95 -0.06
C ASN B 158 -18.03 -4.65 -1.25
N ALA B 159 -17.72 -5.92 -1.44
CA ALA B 159 -18.35 -6.62 -2.54
C ALA B 159 -19.89 -6.57 -2.27
N LEU B 160 -20.34 -7.01 -1.11
CA LEU B 160 -21.75 -6.89 -0.70
C LEU B 160 -22.36 -5.50 -0.93
N CYS B 161 -21.64 -4.42 -0.64
CA CYS B 161 -22.19 -3.11 -0.98
C CYS B 161 -22.18 -2.79 -2.44
N ILE B 162 -21.15 -3.21 -3.17
CA ILE B 162 -21.21 -2.98 -4.61
C ILE B 162 -22.51 -3.61 -5.06
N ILE B 163 -22.89 -4.73 -4.47
CA ILE B 163 -24.12 -5.39 -4.88
C ILE B 163 -25.36 -4.62 -4.48
N GLY B 164 -25.38 -4.06 -3.29
CA GLY B 164 -26.39 -3.07 -2.92
C GLY B 164 -27.79 -3.57 -2.64
N THR B 165 -28.06 -4.85 -2.91
CA THR B 165 -29.42 -5.34 -2.77
C THR B 165 -29.68 -5.62 -1.30
N GLU B 166 -30.91 -6.00 -1.01
CA GLU B 166 -31.34 -6.32 0.35
C GLU B 166 -30.74 -7.66 0.75
N GLU B 167 -30.58 -8.53 -0.22
CA GLU B 167 -30.06 -9.84 0.03
C GLU B 167 -28.62 -9.67 0.50
N ALA B 168 -27.89 -8.81 -0.23
CA ALA B 168 -26.48 -8.60 -0.01
C ALA B 168 -26.30 -7.99 1.38
N TYR B 169 -27.05 -6.93 1.69
CA TYR B 169 -26.92 -6.25 3.00
C TYR B 169 -27.22 -7.27 4.09
N ASN B 170 -28.18 -8.14 3.83
CA ASN B 170 -28.67 -9.03 4.87
C ASN B 170 -27.72 -10.12 5.22
N VAL B 171 -26.85 -10.50 4.28
CA VAL B 171 -25.75 -11.43 4.57
C VAL B 171 -24.97 -11.04 5.83
N ILE B 172 -24.68 -9.76 6.04
CA ILE B 172 -23.81 -9.42 7.15
C ILE B 172 -24.52 -9.62 8.48
N ASN B 173 -23.88 -10.34 9.36
CA ASN B 173 -24.38 -10.51 10.66
C ASN B 173 -23.63 -9.48 11.46
N ARG B 174 -24.28 -8.35 11.72
CA ARG B 174 -23.61 -7.22 12.38
C ARG B 174 -23.21 -7.47 13.83
N GLU B 175 -24.03 -8.19 14.60
CA GLU B 175 -23.70 -8.49 16.00
C GLU B 175 -22.28 -9.00 16.05
N LYS B 176 -22.06 -10.03 15.25
CA LYS B 176 -20.81 -10.78 15.25
C LYS B 176 -19.68 -9.94 14.65
N LEU B 177 -19.98 -9.20 13.58
CA LEU B 177 -18.98 -8.30 13.08
C LEU B 177 -18.40 -7.47 14.23
N LEU B 178 -19.26 -6.98 15.12
CA LEU B 178 -18.78 -6.15 16.22
C LEU B 178 -18.04 -7.00 17.25
N GLN B 179 -18.49 -8.23 17.51
CA GLN B 179 -17.75 -9.05 18.43
C GLN B 179 -16.37 -9.23 17.87
N TYR B 180 -16.31 -9.74 16.63
CA TYR B 180 -15.03 -10.00 15.95
C TYR B 180 -14.05 -8.81 16.09
N LEU B 181 -14.54 -7.62 15.72
CA LEU B 181 -13.70 -6.42 15.73
C LEU B 181 -13.15 -6.17 17.10
N TYR B 182 -14.00 -6.30 18.13
CA TYR B 182 -13.57 -6.10 19.51
C TYR B 182 -12.52 -7.11 19.87
N SER B 183 -12.73 -8.36 19.46
CA SER B 183 -11.78 -9.41 19.80
C SER B 183 -10.42 -9.16 19.23
N LEU B 184 -10.32 -8.34 18.19
CA LEU B 184 -9.02 -7.98 17.58
C LEU B 184 -8.40 -6.67 18.11
N LYS B 185 -9.19 -5.87 18.82
CA LYS B 185 -8.78 -4.53 19.28
C LYS B 185 -7.70 -4.58 20.38
N GLN B 186 -6.61 -3.85 20.18
CA GLN B 186 -5.47 -3.87 21.12
C GLN B 186 -5.50 -2.67 22.07
N PRO B 187 -4.81 -2.79 23.22
CA PRO B 187 -4.79 -1.71 24.18
C PRO B 187 -4.32 -0.43 23.59
N ASP B 188 -3.27 -0.45 22.79
CA ASP B 188 -2.71 0.78 22.21
C ASP B 188 -3.51 1.38 21.03
N GLY B 189 -4.78 0.99 20.90
CA GLY B 189 -5.66 1.57 19.89
C GLY B 189 -5.59 0.91 18.52
N SER B 190 -4.65 -0.03 18.38
CA SER B 190 -4.39 -0.75 17.15
C SER B 190 -5.23 -2.01 17.11
N PHE B 191 -5.23 -2.71 15.97
CA PHE B 191 -5.95 -4.00 15.81
C PHE B 191 -5.09 -5.14 15.24
N LEU B 192 -5.41 -6.35 15.67
CA LEU B 192 -4.86 -7.48 14.98
C LEU B 192 -5.59 -7.68 13.67
N MET B 193 -4.83 -8.15 12.69
CA MET B 193 -5.39 -8.52 11.40
C MET B 193 -6.30 -9.70 11.52
N HIS B 194 -6.04 -10.55 12.50
CA HIS B 194 -6.89 -11.72 12.77
C HIS B 194 -6.43 -12.33 14.11
N VAL B 195 -7.24 -13.17 14.72
CA VAL B 195 -6.84 -13.71 16.02
C VAL B 195 -5.44 -14.36 15.91
N GLY B 196 -4.57 -14.05 16.85
CA GLY B 196 -3.23 -14.60 16.84
C GLY B 196 -2.43 -14.10 15.67
N GLY B 197 -2.97 -13.11 14.98
CA GLY B 197 -2.32 -12.56 13.78
C GLY B 197 -1.44 -11.39 14.20
N GLU B 198 -1.21 -10.47 13.30
CA GLU B 198 -0.49 -9.32 13.83
CA GLU B 198 -0.25 -9.40 13.34
C GLU B 198 -0.93 -7.98 13.29
N VAL B 199 -0.22 -6.94 13.73
CA VAL B 199 -0.77 -5.60 13.56
C VAL B 199 0.00 -4.79 12.55
N ASP B 200 -0.66 -3.74 12.08
CA ASP B 200 -0.24 -3.10 10.87
C ASP B 200 -1.45 -2.19 10.56
N VAL B 201 -1.23 -1.01 9.99
CA VAL B 201 -2.35 -0.06 9.79
C VAL B 201 -3.52 -0.55 8.95
N ARG B 202 -3.28 -1.49 8.06
CA ARG B 202 -4.35 -2.11 7.31
C ARG B 202 -5.51 -2.45 8.23
N SER B 203 -5.21 -2.91 9.43
CA SER B 203 -6.28 -3.48 10.20
C SER B 203 -7.18 -2.38 10.68
N ALA B 204 -6.55 -1.25 11.01
CA ALA B 204 -7.28 -0.05 11.39
C ALA B 204 -8.34 0.32 10.31
N TYR B 205 -7.87 0.50 9.07
CA TYR B 205 -8.72 0.93 7.96
C TYR B 205 -9.83 -0.03 7.61
N CYS B 206 -9.51 -1.30 7.60
CA CYS B 206 -10.51 -2.36 7.38
C CYS B 206 -11.56 -2.32 8.42
N ALA B 207 -11.12 -2.28 9.69
CA ALA B 207 -12.04 -2.12 10.83
C ALA B 207 -12.90 -0.86 10.64
N ALA B 208 -12.26 0.25 10.35
CA ALA B 208 -12.99 1.48 10.08
C ALA B 208 -13.98 1.41 8.89
N SER B 209 -13.55 0.77 7.81
CA SER B 209 -14.37 0.73 6.61
C SER B 209 -15.63 -0.07 6.87
N VAL B 210 -15.42 -1.15 7.58
CA VAL B 210 -16.43 -2.13 7.73
C VAL B 210 -17.38 -1.72 8.86
N ALA B 211 -16.83 -1.27 9.98
CA ALA B 211 -17.64 -0.72 11.10
C ALA B 211 -18.50 0.43 10.62
N SER B 212 -17.91 1.41 9.92
CA SER B 212 -18.69 2.56 9.54
C SER B 212 -19.78 2.18 8.54
N LEU B 213 -19.45 1.62 7.37
CA LEU B 213 -20.50 1.26 6.40
C LEU B 213 -21.66 0.50 7.05
N THR B 214 -21.36 -0.42 7.97
CA THR B 214 -22.45 -1.18 8.58
C THR B 214 -23.01 -0.60 9.87
N ASN B 215 -22.66 0.64 10.18
CA ASN B 215 -23.19 1.30 11.37
C ASN B 215 -23.03 0.47 12.65
N ILE B 216 -21.81 0.07 12.97
CA ILE B 216 -21.59 -0.63 14.22
C ILE B 216 -20.54 0.10 15.08
N ILE B 217 -20.20 1.33 14.73
CA ILE B 217 -19.26 2.05 15.57
C ILE B 217 -19.93 2.39 16.94
N THR B 218 -19.37 1.81 17.99
CA THR B 218 -19.66 2.16 19.36
C THR B 218 -18.66 3.24 19.77
N PRO B 219 -18.90 3.97 20.87
CA PRO B 219 -17.96 5.00 21.33
C PRO B 219 -16.55 4.51 21.68
N ASP B 220 -16.40 3.29 22.21
CA ASP B 220 -15.06 2.82 22.66
C ASP B 220 -14.24 2.18 21.56
N LEU B 221 -14.85 1.37 20.69
CA LEU B 221 -14.13 0.75 19.55
C LEU B 221 -12.80 1.41 19.09
N PHE B 222 -12.83 2.62 18.54
CA PHE B 222 -11.61 3.18 17.93
C PHE B 222 -10.81 4.06 18.83
N GLU B 223 -11.03 3.91 20.13
CA GLU B 223 -10.32 4.73 21.06
C GLU B 223 -8.89 4.37 20.95
N GLY B 224 -8.05 5.39 20.88
CA GLY B 224 -6.60 5.23 20.79
C GLY B 224 -6.13 4.96 19.38
N THR B 225 -7.08 4.68 18.48
CA THR B 225 -6.74 4.28 17.11
C THR B 225 -6.10 5.40 16.33
N ALA B 226 -6.76 6.56 16.30
CA ALA B 226 -6.25 7.73 15.56
C ALA B 226 -4.85 8.09 16.07
N GLU B 227 -4.62 7.84 17.35
CA GLU B 227 -3.33 8.24 17.91
C GLU B 227 -2.26 7.25 17.49
N TRP B 228 -2.64 5.96 17.53
CA TRP B 228 -1.83 4.86 16.93
C TRP B 228 -1.59 5.14 15.43
N ILE B 229 -2.66 5.47 14.69
CA ILE B 229 -2.40 5.76 13.29
C ILE B 229 -1.37 6.88 13.15
N ALA B 230 -1.65 8.02 13.83
CA ALA B 230 -0.71 9.18 13.88
C ALA B 230 0.73 8.74 14.16
N ARG B 231 0.95 7.79 15.05
CA ARG B 231 2.33 7.43 15.34
C ARG B 231 3.03 6.82 14.15
N CYS B 232 2.25 6.32 13.20
CA CYS B 232 2.82 5.66 12.00
C CYS B 232 3.30 6.66 10.97
N GLN B 233 2.93 7.94 11.10
CA GLN B 233 3.45 8.95 10.15
C GLN B 233 4.89 9.20 10.54
N ASN B 234 5.78 9.34 9.60
CA ASN B 234 7.17 9.35 9.93
C ASN B 234 7.89 10.61 9.42
N TRP B 235 9.21 10.60 9.52
CA TRP B 235 10.01 11.71 9.05
C TRP B 235 9.90 12.07 7.55
N GLU B 236 9.39 11.14 6.73
CA GLU B 236 9.21 11.37 5.28
C GLU B 236 7.95 12.16 4.95
N GLY B 237 6.96 12.13 5.86
CA GLY B 237 5.70 12.78 5.63
C GLY B 237 4.57 11.79 5.47
N GLY B 238 4.88 10.65 4.86
CA GLY B 238 3.88 9.61 4.69
C GLY B 238 3.78 8.70 5.89
N ILE B 239 3.03 7.60 5.72
CA ILE B 239 2.76 6.62 6.79
C ILE B 239 3.37 5.26 6.47
N GLY B 240 3.83 4.59 7.53
CA GLY B 240 4.51 3.28 7.43
C GLY B 240 3.59 2.26 8.04
N GLY B 241 3.99 1.00 7.91
CA GLY B 241 3.10 -0.06 8.34
C GLY B 241 2.81 -0.05 9.83
N VAL B 242 3.87 0.15 10.59
CA VAL B 242 3.81 0.33 12.02
C VAL B 242 4.83 1.43 12.38
N PRO B 243 4.74 2.02 13.57
CA PRO B 243 5.65 3.12 13.89
C PRO B 243 7.09 2.79 13.64
N GLY B 244 7.83 3.68 12.96
CA GLY B 244 9.25 3.45 12.66
C GLY B 244 9.58 3.07 11.25
N MET B 245 8.56 2.57 10.56
CA MET B 245 8.77 1.95 9.24
C MET B 245 8.66 3.01 8.14
N GLU B 246 9.36 2.77 7.04
CA GLU B 246 9.37 3.62 5.88
C GLU B 246 7.98 3.98 5.41
N ALA B 247 7.85 5.18 4.87
CA ALA B 247 6.59 5.62 4.30
C ALA B 247 6.26 4.79 3.02
N HIS B 248 5.01 4.35 2.95
CA HIS B 248 4.58 3.54 1.86
C HIS B 248 3.12 3.76 1.52
N GLY B 249 2.91 3.86 0.22
CA GLY B 249 1.59 4.07 -0.36
C GLY B 249 0.43 3.28 0.20
N GLY B 250 0.51 1.96 0.19
CA GLY B 250 -0.64 1.22 0.67
C GLY B 250 -0.99 1.58 2.09
N TYR B 251 0.02 1.62 2.93
CA TYR B 251 -0.19 1.92 4.33
C TYR B 251 -0.66 3.37 4.53
N THR B 252 -0.15 4.29 3.72
CA THR B 252 -0.52 5.68 3.85
C THR B 252 -1.97 5.85 3.48
N PHE B 253 -2.38 5.29 2.35
CA PHE B 253 -3.79 5.26 2.03
C PHE B 253 -4.64 4.72 3.17
N CYS B 254 -4.25 3.62 3.75
CA CYS B 254 -5.08 3.05 4.80
C CYS B 254 -5.18 3.98 5.96
N GLY B 255 -4.07 4.63 6.30
CA GLY B 255 -4.00 5.51 7.46
C GLY B 255 -4.94 6.70 7.35
N LEU B 256 -4.71 7.46 6.28
CA LEU B 256 -5.53 8.64 6.00
C LEU B 256 -7.01 8.26 5.95
N ALA B 257 -7.31 7.26 5.14
CA ALA B 257 -8.66 6.85 4.93
C ALA B 257 -9.25 6.46 6.30
N ALA B 258 -8.55 5.63 7.09
CA ALA B 258 -9.08 5.26 8.41
C ALA B 258 -9.32 6.57 9.23
N LEU B 259 -8.36 7.51 9.19
CA LEU B 259 -8.55 8.84 9.85
C LEU B 259 -9.76 9.68 9.32
N VAL B 260 -9.95 9.82 8.00
CA VAL B 260 -11.20 10.41 7.50
C VAL B 260 -12.47 9.68 8.02
N ILE B 261 -12.59 8.36 7.86
CA ILE B 261 -13.74 7.65 8.46
C ILE B 261 -13.89 8.10 9.90
N LEU B 262 -12.80 8.09 10.67
CA LEU B 262 -12.86 8.48 12.10
C LEU B 262 -12.99 9.98 12.30
N LYS B 263 -12.88 10.76 11.22
CA LYS B 263 -13.03 12.17 11.39
C LYS B 263 -11.92 12.63 12.33
N LYS B 264 -10.66 12.23 12.11
CA LYS B 264 -9.50 12.74 12.90
C LYS B 264 -8.29 13.00 12.05
N GLU B 265 -8.49 13.35 10.80
CA GLU B 265 -7.39 13.76 9.89
C GLU B 265 -6.37 14.68 10.53
N ARG B 266 -6.92 15.57 11.36
CA ARG B 266 -6.16 16.64 12.02
C ARG B 266 -5.00 16.03 12.77
N SER B 267 -5.21 14.87 13.42
CA SER B 267 -4.11 14.14 14.04
C SER B 267 -2.86 14.07 13.20
N LEU B 268 -2.96 13.89 11.90
CA LEU B 268 -1.73 13.81 11.13
C LEU B 268 -1.26 15.19 10.85
N ASN B 269 -0.01 15.31 10.43
CA ASN B 269 0.53 16.52 9.83
C ASN B 269 0.23 16.49 8.36
N LEU B 270 -0.89 17.06 7.98
CA LEU B 270 -1.31 16.93 6.61
C LEU B 270 -0.40 17.60 5.59
N LYS B 271 0.41 18.57 5.98
CA LYS B 271 1.26 19.27 5.00
C LYS B 271 2.40 18.39 4.52
N SER B 272 3.13 17.78 5.43
CA SER B 272 4.16 16.84 4.96
C SER B 272 3.51 15.60 4.28
N LEU B 273 2.38 15.10 4.75
CA LEU B 273 1.73 14.00 4.02
C LEU B 273 1.57 14.40 2.55
N LEU B 274 1.06 15.62 2.30
CA LEU B 274 0.84 16.11 0.95
C LEU B 274 2.13 16.22 0.17
N GLN B 275 3.15 16.67 0.84
CA GLN B 275 4.36 16.97 0.12
C GLN B 275 4.92 15.61 -0.26
N TRP B 276 4.55 14.59 0.55
CA TRP B 276 5.03 13.25 0.29
C TRP B 276 4.28 12.55 -0.88
N VAL B 277 2.93 12.51 -0.88
CA VAL B 277 2.25 11.90 -2.01
C VAL B 277 2.76 12.54 -3.23
N THR B 278 2.77 13.88 -3.24
CA THR B 278 3.05 14.58 -4.49
C THR B 278 4.40 14.17 -4.97
N SER B 279 5.39 13.98 -4.11
CA SER B 279 6.72 13.61 -4.60
C SER B 279 6.82 12.17 -5.23
N ARG B 280 5.74 11.40 -5.10
CA ARG B 280 5.66 10.02 -5.55
C ARG B 280 5.16 9.81 -6.99
N GLN B 281 4.72 10.87 -7.65
CA GLN B 281 4.49 10.78 -9.07
C GLN B 281 5.88 10.80 -9.72
N MET B 282 6.13 9.91 -10.68
CA MET B 282 7.44 9.82 -11.31
C MET B 282 7.41 10.82 -12.43
N ARG B 283 8.52 11.47 -12.70
CA ARG B 283 8.44 12.69 -13.54
C ARG B 283 8.41 12.23 -14.96
N PHE B 284 9.10 11.13 -15.24
CA PHE B 284 9.12 10.60 -16.59
C PHE B 284 7.97 9.67 -16.85
N GLU B 285 7.75 8.72 -15.97
CA GLU B 285 6.72 7.72 -16.24
C GLU B 285 5.31 8.31 -16.11
N GLY B 286 5.09 9.25 -15.17
CA GLY B 286 3.77 9.85 -14.98
C GLY B 286 2.91 9.11 -13.99
N GLY B 287 3.28 7.86 -13.73
CA GLY B 287 2.62 7.06 -12.72
C GLY B 287 3.25 7.34 -11.38
N PHE B 288 2.81 6.55 -10.40
CA PHE B 288 3.26 6.62 -9.05
C PHE B 288 4.01 5.40 -8.59
N GLN B 289 4.99 5.65 -7.71
CA GLN B 289 5.73 4.64 -6.94
C GLN B 289 5.23 4.54 -5.52
N GLY B 290 5.42 3.39 -4.87
CA GLY B 290 4.83 3.15 -3.53
C GLY B 290 5.61 3.85 -2.42
N ARG B 291 6.86 4.11 -2.75
CA ARG B 291 7.79 4.73 -1.84
C ARG B 291 8.97 5.25 -2.63
N CYS B 292 9.63 6.23 -2.03
CA CYS B 292 10.75 6.94 -2.60
C CYS B 292 11.90 6.04 -3.06
N ASN B 293 12.51 6.41 -4.18
CA ASN B 293 13.60 5.63 -4.81
C ASN B 293 13.28 4.15 -5.17
N LYS B 294 11.98 3.85 -5.33
CA LYS B 294 11.51 2.55 -5.83
C LYS B 294 10.79 2.81 -7.16
N LEU B 295 9.99 1.84 -7.63
CA LEU B 295 9.59 1.79 -9.05
C LEU B 295 8.15 2.14 -9.24
N VAL B 296 7.85 2.75 -10.37
CA VAL B 296 6.46 3.06 -10.72
C VAL B 296 5.64 1.76 -10.71
N ASP B 297 4.33 1.88 -10.47
CA ASP B 297 3.45 0.71 -10.46
C ASP B 297 2.01 1.18 -10.46
N GLY B 298 1.25 0.61 -11.40
CA GLY B 298 -0.10 1.02 -11.71
C GLY B 298 -1.08 0.93 -10.58
N CYS B 299 -0.85 0.01 -9.62
CA CYS B 299 -1.84 -0.08 -8.51
C CYS B 299 -1.74 1.15 -7.65
N TYR B 300 -0.58 1.83 -7.67
CA TYR B 300 -0.43 3.09 -6.93
C TYR B 300 -1.23 4.23 -7.53
N SER B 301 -1.70 4.04 -8.76
CA SER B 301 -2.67 4.97 -9.32
C SER B 301 -3.84 5.18 -8.40
N PHE B 302 -4.14 4.20 -7.56
CA PHE B 302 -5.17 4.41 -6.58
C PHE B 302 -4.56 4.68 -5.20
N TRP B 303 -3.60 3.87 -4.74
CA TRP B 303 -3.24 3.96 -3.31
C TRP B 303 -2.64 5.36 -3.00
N GLN B 304 -1.77 5.84 -3.89
CA GLN B 304 -1.15 7.16 -3.79
C GLN B 304 -2.07 8.30 -4.32
N ALA B 305 -2.41 8.30 -5.60
CA ALA B 305 -3.28 9.31 -6.18
C ALA B 305 -4.59 9.48 -5.41
N GLY B 306 -5.18 8.42 -4.91
CA GLY B 306 -6.42 8.53 -4.14
C GLY B 306 -6.27 9.22 -2.78
N LEU B 307 -5.01 9.45 -2.37
CA LEU B 307 -4.78 10.35 -1.22
C LEU B 307 -5.24 11.81 -1.50
N LEU B 308 -4.99 12.31 -2.73
CA LEU B 308 -5.18 13.73 -3.04
C LEU B 308 -6.62 14.15 -2.83
N PRO B 309 -7.54 13.35 -3.31
CA PRO B 309 -8.93 13.64 -2.92
C PRO B 309 -9.18 13.64 -1.42
N LEU B 310 -8.51 12.77 -0.67
CA LEU B 310 -8.79 12.63 0.77
C LEU B 310 -8.20 13.87 1.45
N LEU B 311 -7.03 14.29 0.96
CA LEU B 311 -6.37 15.45 1.48
C LEU B 311 -7.17 16.68 1.10
N HIS B 312 -7.77 16.70 -0.09
CA HIS B 312 -8.54 17.88 -0.52
C HIS B 312 -9.69 18.11 0.44
N ARG B 313 -10.47 17.07 0.73
CA ARG B 313 -11.59 17.17 1.64
C ARG B 313 -11.16 17.65 3.00
N ALA B 314 -9.95 17.31 3.42
CA ALA B 314 -9.52 17.49 4.81
C ALA B 314 -8.95 18.90 5.04
N LEU B 315 -8.19 19.38 4.09
CA LEU B 315 -7.84 20.77 4.12
C LEU B 315 -9.13 21.64 4.02
N HIS B 316 -10.17 21.10 3.39
CA HIS B 316 -11.37 21.88 3.12
C HIS B 316 -12.22 22.02 4.33
N ALA B 317 -12.34 20.97 5.12
CA ALA B 317 -12.92 21.13 6.42
C ALA B 317 -12.01 22.01 7.35
N GLN B 318 -11.05 22.78 6.82
CA GLN B 318 -10.23 23.70 7.63
C GLN B 318 -10.12 25.08 6.94
N GLY B 319 -11.03 25.35 6.02
CA GLY B 319 -11.02 26.60 5.31
C GLY B 319 -9.87 26.82 4.35
N ASP B 320 -8.90 25.91 4.24
CA ASP B 320 -7.75 26.13 3.32
C ASP B 320 -8.26 26.82 2.03
N PRO B 321 -7.94 28.11 1.89
CA PRO B 321 -8.58 28.84 0.83
C PRO B 321 -7.91 28.60 -0.51
N ALA B 322 -6.68 28.06 -0.52
CA ALA B 322 -5.89 28.03 -1.75
C ALA B 322 -6.10 26.80 -2.65
N LEU B 323 -7.04 25.93 -2.31
CA LEU B 323 -7.26 24.73 -3.10
C LEU B 323 -7.91 25.00 -4.46
N SER B 324 -7.47 24.27 -5.49
CA SER B 324 -8.15 24.27 -6.80
C SER B 324 -9.56 23.74 -6.69
N MET B 325 -10.44 24.22 -7.56
CA MET B 325 -11.75 23.56 -7.74
C MET B 325 -11.89 23.10 -9.17
N SER B 326 -10.76 22.80 -9.80
CA SER B 326 -10.79 22.04 -11.02
C SER B 326 -10.15 20.66 -10.76
N HIS B 327 -8.94 20.68 -10.18
CA HIS B 327 -8.04 19.54 -10.13
C HIS B 327 -7.55 19.05 -8.77
N TRP B 328 -7.26 17.75 -8.69
CA TRP B 328 -6.50 17.18 -7.58
C TRP B 328 -5.03 17.64 -7.65
N MET B 329 -4.31 17.64 -6.53
CA MET B 329 -2.93 18.09 -6.55
C MET B 329 -1.84 17.08 -7.09
N PHE B 330 -2.18 16.48 -8.24
CA PHE B 330 -1.25 15.68 -9.02
C PHE B 330 -1.53 15.89 -10.51
N HIS B 331 -0.59 15.47 -11.34
CA HIS B 331 -0.72 15.57 -12.78
C HIS B 331 -1.70 14.54 -13.24
N GLN B 332 -2.97 14.88 -13.21
CA GLN B 332 -4.00 13.98 -13.72
C GLN B 332 -3.78 13.41 -15.11
N GLN B 333 -3.39 14.26 -16.06
CA GLN B 333 -3.18 13.84 -17.41
C GLN B 333 -2.07 12.76 -17.50
N ALA B 334 -0.91 13.03 -16.89
CA ALA B 334 0.20 12.06 -16.93
C ALA B 334 -0.22 10.75 -16.27
N LEU B 335 -1.05 10.76 -15.24
CA LEU B 335 -1.38 9.48 -14.64
C LEU B 335 -2.17 8.72 -15.68
N GLN B 336 -3.24 9.33 -16.17
CA GLN B 336 -4.04 8.76 -17.30
C GLN B 336 -3.14 8.24 -18.46
N GLU B 337 -2.16 9.02 -18.85
CA GLU B 337 -1.33 8.61 -19.95
C GLU B 337 -0.58 7.32 -19.60
N TYR B 338 -0.17 7.22 -18.34
CA TYR B 338 0.55 6.05 -17.88
C TYR B 338 -0.42 4.85 -17.89
N ILE B 339 -1.57 4.97 -17.27
CA ILE B 339 -2.46 3.84 -17.16
C ILE B 339 -2.79 3.31 -18.60
N LEU B 340 -3.14 4.22 -19.52
CA LEU B 340 -3.64 3.86 -20.82
C LEU B 340 -2.55 3.27 -21.70
N MET B 341 -1.44 3.97 -21.82
CA MET B 341 -0.37 3.55 -22.68
C MET B 341 0.45 2.38 -22.13
N CYS B 342 0.57 2.26 -20.81
CA CYS B 342 1.54 1.30 -20.20
C CYS B 342 1.03 0.14 -19.35
N CYS B 343 -0.25 0.23 -18.96
CA CYS B 343 -0.78 -0.67 -17.93
C CYS B 343 -1.89 -1.48 -18.46
N GLN B 344 -2.06 -1.42 -19.77
CA GLN B 344 -3.16 -2.10 -20.44
C GLN B 344 -2.66 -3.32 -21.17
N CYS B 345 -3.31 -4.44 -20.90
CA CYS B 345 -3.01 -5.65 -21.57
C CYS B 345 -3.97 -5.82 -22.77
N PRO B 346 -3.42 -5.94 -24.00
CA PRO B 346 -4.18 -6.09 -25.25
C PRO B 346 -5.18 -7.25 -25.13
N ALA B 347 -4.70 -8.34 -24.52
CA ALA B 347 -5.60 -9.47 -24.26
C ALA B 347 -6.83 -9.11 -23.37
N GLY B 348 -6.86 -7.94 -22.70
CA GLY B 348 -7.85 -7.68 -21.61
C GLY B 348 -7.13 -7.64 -20.25
N GLY B 349 -7.75 -7.01 -19.27
CA GLY B 349 -7.07 -6.75 -17.99
C GLY B 349 -5.94 -5.70 -17.99
N LEU B 350 -5.43 -5.39 -16.79
CA LEU B 350 -4.44 -4.33 -16.59
C LEU B 350 -3.28 -4.73 -15.73
N LEU B 351 -2.25 -3.89 -15.71
CA LEU B 351 -1.03 -4.29 -15.06
C LEU B 351 -0.14 -3.23 -14.40
N ASP B 352 0.77 -3.71 -13.55
CA ASP B 352 1.74 -2.93 -12.81
C ASP B 352 2.54 -2.06 -13.76
N LYS B 353 3.19 -2.69 -14.72
CA LYS B 353 4.00 -2.00 -15.73
C LYS B 353 4.36 -2.94 -16.92
N PRO B 354 4.78 -2.38 -18.06
CA PRO B 354 5.04 -3.21 -19.23
C PRO B 354 5.96 -4.40 -18.96
N GLY B 355 5.53 -5.56 -19.39
CA GLY B 355 6.34 -6.71 -19.15
C GLY B 355 5.80 -7.57 -18.03
N LYS B 356 4.77 -7.10 -17.30
CA LYS B 356 4.24 -7.88 -16.18
C LYS B 356 2.99 -8.46 -16.67
N SER B 357 2.39 -9.34 -15.89
CA SER B 357 1.18 -10.02 -16.31
C SER B 357 -0.04 -9.39 -15.73
N ARG B 358 -1.10 -9.39 -16.52
CA ARG B 358 -2.44 -9.25 -16.03
C ARG B 358 -2.70 -9.74 -14.62
N ASP B 359 -3.61 -9.09 -13.91
CA ASP B 359 -4.25 -9.70 -12.81
C ASP B 359 -5.42 -8.84 -12.40
N PHE B 360 -6.30 -9.41 -11.59
CA PHE B 360 -7.51 -8.73 -11.18
C PHE B 360 -7.24 -7.62 -10.15
N TYR B 361 -6.15 -7.74 -9.38
CA TYR B 361 -5.76 -6.70 -8.42
C TYR B 361 -5.41 -5.43 -9.20
N HIS B 362 -4.56 -5.55 -10.18
CA HIS B 362 -4.20 -4.41 -10.93
C HIS B 362 -5.29 -3.97 -11.83
N THR B 363 -6.18 -4.86 -12.23
CA THR B 363 -7.28 -4.42 -13.07
C THR B 363 -8.14 -3.48 -12.22
N CYS B 364 -8.34 -3.88 -11.00
CA CYS B 364 -9.11 -3.10 -10.07
C CYS B 364 -8.56 -1.69 -9.80
N TYR B 365 -7.29 -1.64 -9.39
CA TYR B 365 -6.65 -0.43 -8.89
C TYR B 365 -6.14 0.49 -10.00
N CYS B 366 -5.80 -0.04 -11.15
CA CYS B 366 -5.48 0.87 -12.22
C CYS B 366 -6.72 1.55 -12.64
N LEU B 367 -7.85 0.85 -12.58
CA LEU B 367 -9.08 1.48 -13.02
C LEU B 367 -9.58 2.42 -11.93
N SER B 368 -9.57 2.00 -10.69
CA SER B 368 -9.90 2.92 -9.60
C SER B 368 -9.06 4.22 -9.72
N GLY B 369 -7.82 4.06 -10.13
CA GLY B 369 -6.93 5.19 -10.27
C GLY B 369 -7.29 6.05 -11.43
N LEU B 370 -7.68 5.45 -12.55
CA LEU B 370 -8.00 6.23 -13.75
C LEU B 370 -9.29 7.02 -13.43
N SER B 371 -10.26 6.41 -12.77
CA SER B 371 -11.46 7.11 -12.41
C SER B 371 -11.13 8.34 -11.56
N ILE B 372 -10.24 8.17 -10.56
CA ILE B 372 -9.87 9.30 -9.68
C ILE B 372 -9.24 10.44 -10.54
N ALA B 373 -8.42 10.08 -11.53
CA ALA B 373 -7.70 11.08 -12.34
C ALA B 373 -8.65 11.75 -13.38
N GLN B 374 -9.86 11.22 -13.47
CA GLN B 374 -10.84 11.73 -14.41
C GLN B 374 -11.82 12.68 -13.76
N HIS B 375 -12.14 12.40 -12.51
CA HIS B 375 -13.23 13.02 -11.82
C HIS B 375 -12.77 13.77 -10.58
N PHE B 376 -12.95 15.10 -10.66
CA PHE B 376 -12.90 16.03 -9.53
C PHE B 376 -14.30 16.41 -9.04
N GLY B 377 -14.63 16.09 -7.80
CA GLY B 377 -15.86 16.52 -7.14
C GLY B 377 -15.35 17.24 -5.89
N SER B 378 -16.15 18.14 -5.31
CA SER B 378 -15.70 19.05 -4.20
C SER B 378 -16.80 20.09 -3.93
N GLY B 379 -17.80 19.69 -3.14
CA GLY B 379 -18.98 20.52 -2.86
C GLY B 379 -19.77 20.80 -4.13
N ALA B 380 -19.68 22.03 -4.62
CA ALA B 380 -20.38 22.45 -5.83
C ALA B 380 -19.64 21.95 -7.06
N MET B 381 -18.35 22.28 -7.07
CA MET B 381 -17.50 22.08 -8.24
C MET B 381 -17.29 20.60 -8.62
N LEU B 382 -17.63 20.30 -9.89
CA LEU B 382 -17.35 19.04 -10.57
C LEU B 382 -16.56 19.45 -11.79
N HIS B 383 -15.46 18.76 -12.09
CA HIS B 383 -14.72 19.02 -13.34
C HIS B 383 -13.94 17.79 -13.80
N ASP B 384 -14.05 17.45 -15.08
CA ASP B 384 -13.43 16.24 -15.61
C ASP B 384 -12.25 16.46 -16.53
N VAL B 385 -11.50 15.37 -16.72
CA VAL B 385 -10.41 15.35 -17.63
C VAL B 385 -10.39 13.92 -18.09
N VAL B 386 -10.71 13.70 -19.36
CA VAL B 386 -10.78 12.39 -19.95
C VAL B 386 -9.77 12.38 -21.10
N MET B 387 -8.60 11.83 -20.87
CA MET B 387 -7.64 11.61 -21.95
C MET B 387 -8.04 10.56 -22.97
N GLY B 388 -7.42 10.71 -24.14
CA GLY B 388 -7.84 10.03 -25.36
C GLY B 388 -9.32 10.19 -25.63
N VAL B 389 -9.94 9.12 -26.11
CA VAL B 389 -11.32 9.18 -26.55
C VAL B 389 -12.22 9.38 -25.37
N PRO B 390 -13.43 9.80 -25.62
CA PRO B 390 -14.26 10.14 -24.47
C PRO B 390 -15.11 8.97 -23.97
N GLU B 391 -15.08 7.84 -24.66
CA GLU B 391 -15.68 6.58 -24.14
C GLU B 391 -14.83 5.98 -23.02
N ASN B 392 -13.60 6.49 -22.84
CA ASN B 392 -12.77 6.17 -21.71
C ASN B 392 -13.35 6.54 -20.33
N VAL B 393 -14.36 7.38 -20.19
CA VAL B 393 -14.67 7.78 -18.82
C VAL B 393 -15.29 6.66 -18.07
N LEU B 394 -14.81 6.46 -16.85
CA LEU B 394 -15.34 5.47 -15.95
C LEU B 394 -16.32 6.11 -15.03
N GLN B 395 -17.13 5.28 -14.40
CA GLN B 395 -17.91 5.70 -13.28
C GLN B 395 -17.02 6.19 -12.15
N PRO B 396 -17.53 7.18 -11.40
CA PRO B 396 -16.72 7.74 -10.32
C PRO B 396 -16.51 6.68 -9.21
N THR B 397 -15.44 6.81 -8.42
CA THR B 397 -15.25 5.94 -7.21
C THR B 397 -15.08 6.68 -5.91
N HIS B 398 -15.70 6.21 -4.83
CA HIS B 398 -15.55 6.89 -3.51
C HIS B 398 -14.16 6.73 -2.97
N PRO B 399 -13.40 7.81 -2.75
CA PRO B 399 -11.98 7.55 -2.37
C PRO B 399 -11.69 6.99 -0.96
N VAL B 400 -12.66 6.93 -0.07
CA VAL B 400 -12.40 6.33 1.23
C VAL B 400 -12.50 4.85 1.08
N TYR B 401 -13.57 4.38 0.42
CA TYR B 401 -13.95 2.96 0.36
C TYR B 401 -13.53 2.24 -0.93
N ASN B 402 -13.44 3.00 -1.99
CA ASN B 402 -13.19 2.53 -3.31
C ASN B 402 -14.23 1.55 -3.75
N ILE B 403 -15.48 1.93 -3.44
CA ILE B 403 -16.68 1.47 -4.14
C ILE B 403 -17.31 2.76 -4.65
N GLY B 404 -18.36 2.66 -5.44
CA GLY B 404 -18.97 3.85 -6.01
C GLY B 404 -19.67 4.71 -4.97
N PRO B 405 -19.58 6.04 -5.12
CA PRO B 405 -20.20 7.00 -4.15
C PRO B 405 -21.69 6.70 -3.80
N ASP B 406 -22.45 6.31 -4.80
CA ASP B 406 -23.83 5.88 -4.59
C ASP B 406 -23.96 4.68 -3.70
N LYS B 407 -23.09 3.69 -3.89
CA LYS B 407 -23.19 2.43 -3.12
C LYS B 407 -22.81 2.74 -1.70
N VAL B 408 -21.87 3.67 -1.52
CA VAL B 408 -21.61 4.12 -0.16
C VAL B 408 -22.87 4.74 0.55
N ILE B 409 -23.50 5.68 -0.17
CA ILE B 409 -24.76 6.37 0.26
C ILE B 409 -25.77 5.31 0.59
N GLN B 410 -26.03 4.48 -0.40
CA GLN B 410 -27.06 3.50 -0.27
C GLN B 410 -26.84 2.63 0.99
N ALA B 411 -25.64 2.13 1.20
CA ALA B 411 -25.44 1.21 2.31
C ALA B 411 -25.41 1.91 3.67
N THR B 412 -24.82 3.10 3.78
CA THR B 412 -24.88 3.85 5.04
C THR B 412 -26.37 4.14 5.43
N THR B 413 -27.09 4.77 4.53
CA THR B 413 -28.49 5.02 4.73
C THR B 413 -29.28 3.83 5.21
N HIS B 414 -28.92 2.65 4.79
CA HIS B 414 -29.65 1.44 5.15
C HIS B 414 -29.35 0.90 6.55
N PHE B 415 -28.11 0.89 6.90
CA PHE B 415 -27.51 0.43 8.10
C PHE B 415 -27.76 1.46 9.16
N LEU B 416 -27.88 2.73 8.73
CA LEU B 416 -28.31 3.78 9.66
C LEU B 416 -29.70 3.54 10.26
N GLN B 417 -30.46 2.62 9.69
CA GLN B 417 -31.79 2.32 10.15
C GLN B 417 -31.86 1.34 11.29
N LYS B 418 -30.91 0.41 11.40
CA LYS B 418 -30.87 -0.43 12.58
C LYS B 418 -29.99 0.34 13.54
N PRO B 419 -29.96 -0.08 14.81
CA PRO B 419 -29.14 0.63 15.75
C PRO B 419 -27.75 -0.01 15.92
N VAL B 420 -26.77 0.81 16.29
CA VAL B 420 -25.46 0.31 16.70
C VAL B 420 -25.64 -0.75 17.79
N PRO B 421 -25.32 -2.05 17.49
CA PRO B 421 -25.62 -3.20 18.37
C PRO B 421 -25.22 -2.98 19.81
N GLY B 422 -26.18 -2.64 20.64
CA GLY B 422 -25.84 -1.93 21.88
C GLY B 422 -27.01 -1.59 22.78
N PHE B 423 -27.86 -0.60 22.45
CA PHE B 423 -27.85 0.23 21.24
C PHE B 423 -26.99 1.53 21.37
S DMS C . 2.93 -8.74 0.29
O DMS C . 4.65 -8.96 0.78
C1 DMS C . 2.88 -7.81 -1.27
C2 DMS C . 2.29 -10.43 0.00
ZN ZN D . 1.17 -3.11 -8.30
C1 FPP E . 5.67 -3.62 -0.19
O1 FPP E . 5.62 -4.14 -1.57
C2 FPP E . 4.39 -3.34 0.31
C3 FPP E . 3.76 -3.83 1.45
C4 FPP E . 4.48 -4.77 2.41
C5 FPP E . 2.34 -3.39 1.84
C6 FPP E . 1.43 -2.60 0.79
C7 FPP E . 0.12 -2.43 1.29
C8 FPP E . -1.07 -2.14 0.64
C10 FPP E . -1.00 -1.90 -0.86
C9 FPP E . -2.33 -1.99 1.46
C11 FPP E . -3.43 -3.00 1.15
C12 FPP E . -4.72 -2.59 1.59
C13 FPP E . -5.60 -3.25 2.46
C14 FPP E . -6.96 -2.69 2.79
C15 FPP E . -5.21 -4.60 3.06
PA FPP E . 6.93 -4.08 -2.50
O1A FPP E . 7.08 -5.36 -3.27
O2A FPP E . 8.06 -3.59 -1.66
O3A FPP E . 6.44 -2.95 -3.52
PB FPP E . 7.06 -1.53 -3.80
O1B FPP E . 7.06 -0.99 -2.36
O2B FPP E . 8.51 -1.67 -4.22
O3B FPP E . 6.20 -0.80 -4.72
CAA 7TP F . 3.28 -12.38 -6.92
OBB 7TP F . 1.91 -12.87 -6.64
CBG 7TP F . 1.23 -12.21 -5.63
CAN 7TP F . -0.14 -12.41 -5.46
CAQ 7TP F . -0.88 -11.76 -4.46
CAM 7TP F . 1.86 -11.33 -4.73
CAP 7TP F . 1.13 -10.68 -3.72
CBJ 7TP F . -0.25 -10.88 -3.57
SBR 7TP F . -1.15 -9.97 -2.30
OAD 7TP F . -0.18 -9.81 -1.19
OAE 7TP F . -2.48 -10.59 -1.81
NBP 7TP F . -1.67 -8.44 -2.73
CAX 7TP F . -2.50 -8.45 -3.93
CBI 7TP F . -1.74 -8.76 -5.19
CAV 7TP F . -2.56 -9.47 -5.99
CBH 7TP F . -2.04 -9.83 -7.20
CBL 7TP F . -2.83 -10.61 -7.96
OBC 7TP F . -4.16 -10.42 -8.08
CAR 7TP F . -2.43 -11.72 -8.55
CAL 7TP F . -3.48 -12.25 -9.14
CBF 7TP F . -4.52 -11.46 -8.82
CAG 7TP F . -5.89 -11.68 -9.37
OAC 7TP F . -5.96 -11.66 -10.61
CAO 7TP F . -0.77 -9.55 -7.63
CAS 7TP F . 0.06 -8.84 -6.82
CBM 7TP F . -0.44 -8.46 -5.59
NBO 7TP F . 0.39 -7.72 -4.91
CAY 7TP F . 1.83 -7.74 -5.23
CBK 7TP F . 2.08 -6.51 -6.09
CAT 7TP F . 1.13 -5.65 -6.49
NBA 7TP F . 1.70 -4.70 -7.24
CAU 7TP F . 3.01 -4.98 -7.30
NBQ 7TP F . 3.24 -6.10 -6.59
CAB 7TP F . 4.60 -6.77 -6.44
CAZ 7TP F . -0.11 -6.75 -3.93
CBN 7TP F . -0.75 -7.29 -2.62
CAW 7TP F . -1.55 -6.09 -1.99
CBE 7TP F . -2.19 -6.45 -0.66
CAJ 7TP F . -1.49 -6.32 0.53
CAH 7TP F . -2.06 -6.67 1.76
CBD 7TP F . -3.35 -7.19 1.74
OAF 7TP F . -3.99 -7.56 2.91
CAI 7TP F . -4.04 -7.32 0.53
CAK 7TP F . -3.46 -6.96 -0.69
S DMS G . 2.07 -3.78 -3.13
O DMS G . 3.78 -3.39 -2.77
C1 DMS G . 0.97 -2.76 -2.13
C2 DMS G . 1.66 -2.93 -4.65
S DMS H . 0.81 -14.72 -2.34
O DMS H . 1.83 -13.66 -1.28
C1 DMS H . 0.85 -16.45 -1.70
C2 DMS H . -0.97 -14.31 -2.16
S DMS I . -4.46 -10.42 2.12
O DMS I . -5.51 -11.59 2.96
C1 DMS I . -2.67 -10.76 2.36
C2 DMS I . -4.58 -10.78 0.32
#